data_2HB0
#
_entry.id   2HB0
#
_cell.length_a   143.346
_cell.length_b   143.346
_cell.length_c   231.434
_cell.angle_alpha   90.00
_cell.angle_beta   90.00
_cell.angle_gamma   120.00
#
_symmetry.space_group_name_H-M   'P 62 2 2'
#
loop_
_entity.id
_entity.type
_entity.pdbx_description
1 polymer 'CFA/I fimbrial subunit E'
2 non-polymer 'MALONATE ION'
3 non-polymer DI(HYDROXYETHYL)ETHER
4 water water
#
_entity_poly.entity_id   1
_entity_poly.type   'polypeptide(L)'
_entity_poly.pdbx_seq_one_letter_code
;ADKNPGSENMTNTIGPHDRGGSSPIYNILNSYLTAYNGSHHLYDRMSFLCLSSQNTLNGACPSSDAPGTATIDGETNITL
QFTEKRSLIKRELQIKGYKQFLFKNANCPSKLALNSSHFQCNREQASGATLSLYIPAGELNKLPFGGVWNAVLKLNVKRR
YDTTYGTYTINITVNLTDKGNIQIWLPQFKSNARVDLNLRPTGGGTYIGRNSVDMCFYDGYSTNSSSLEIRFQDDNSKSD
GKFYLKKINDDSKELVYTLSLLLAGKNLTPTNGQALNINTASLETNWNRITAVTMPEISVPVLCWPGRLQLDAKVKNPEA
GQYMGNIKITFTPSSQTLDNKQVEKNITVTASVDPVIDLLQLEHHHHHH
;
_entity_poly.pdbx_strand_id   A,B
#
loop_
_chem_comp.id
_chem_comp.type
_chem_comp.name
_chem_comp.formula
MLI non-polymer 'MALONATE ION' 'C3 H2 O4 -2'
PEG non-polymer DI(HYDROXYETHYL)ETHER 'C4 H10 O3'
#
# COMPACT_ATOMS: atom_id res chain seq x y z
N ALA A 1 10.91 26.49 30.90
CA ALA A 1 10.50 26.37 32.35
C ALA A 1 11.01 25.07 32.96
N ASP A 2 11.15 25.05 34.28
CA ASP A 2 11.58 23.84 34.94
C ASP A 2 10.49 22.77 34.78
N LYS A 3 10.90 21.52 34.70
CA LYS A 3 9.95 20.41 34.67
C LYS A 3 10.55 19.19 35.31
N ASN A 4 9.80 18.57 36.21
CA ASN A 4 10.20 17.35 36.87
C ASN A 4 9.59 16.17 36.15
N PRO A 5 10.40 15.21 35.76
CA PRO A 5 9.89 14.04 35.02
C PRO A 5 8.98 13.19 35.89
N GLY A 6 8.09 12.45 35.24
CA GLY A 6 7.15 11.58 35.93
C GLY A 6 6.23 10.93 34.93
N SER A 7 5.29 10.13 35.40
CA SER A 7 4.34 9.46 34.53
C SER A 7 3.42 10.45 33.86
N GLU A 8 3.03 10.14 32.63
CA GLU A 8 2.12 10.97 31.87
C GLU A 8 1.26 10.08 30.99
N ASN A 9 0.08 10.58 30.65
CA ASN A 9 -0.87 9.86 29.84
C ASN A 9 -1.23 10.72 28.65
N MET A 10 -1.01 10.19 27.45
CA MET A 10 -1.26 10.97 26.26
C MET A 10 -2.13 10.28 25.25
N THR A 11 -2.76 11.09 24.40
CA THR A 11 -3.67 10.61 23.40
C THR A 11 -3.34 11.24 22.08
N ASN A 12 -3.32 10.41 21.04
CA ASN A 12 -3.04 10.83 19.67
C ASN A 12 -4.03 10.23 18.71
N THR A 13 -4.61 11.06 17.85
CA THR A 13 -5.55 10.59 16.85
C THR A 13 -4.95 10.90 15.49
N ILE A 14 -4.66 9.85 14.73
CA ILE A 14 -4.06 9.98 13.44
C ILE A 14 -5.15 9.81 12.39
N GLY A 15 -5.18 10.71 11.41
CA GLY A 15 -6.13 10.57 10.35
C GLY A 15 -7.24 11.57 10.38
N PRO A 16 -8.31 11.29 9.64
CA PRO A 16 -8.45 10.04 8.88
C PRO A 16 -7.48 9.93 7.71
N HIS A 17 -6.97 8.74 7.47
CA HIS A 17 -6.13 8.52 6.29
C HIS A 17 -6.76 7.43 5.45
N ASP A 18 -6.87 7.66 4.16
CA ASP A 18 -7.46 6.66 3.27
C ASP A 18 -6.41 5.75 2.68
N ARG A 19 -6.65 4.44 2.71
CA ARG A 19 -5.71 3.42 2.18
C ARG A 19 -5.38 3.59 0.71
N GLY A 20 -6.16 4.40 0.00
CA GLY A 20 -5.92 4.63 -1.41
C GLY A 20 -4.68 5.48 -1.66
N GLY A 21 -4.18 6.12 -0.61
CA GLY A 21 -3.00 6.95 -0.71
C GLY A 21 -1.89 6.50 0.19
N SER A 22 -0.67 6.92 -0.13
CA SER A 22 0.51 6.57 0.67
C SER A 22 0.46 7.44 1.92
N SER A 23 0.80 6.88 3.07
CA SER A 23 0.70 7.60 4.31
C SER A 23 1.90 8.50 4.56
N PRO A 24 1.64 9.72 5.00
CA PRO A 24 2.72 10.66 5.28
C PRO A 24 3.24 10.45 6.69
N ILE A 25 4.29 11.18 7.03
CA ILE A 25 4.84 11.12 8.38
C ILE A 25 3.77 11.63 9.33
N TYR A 26 3.59 10.94 10.44
CA TYR A 26 2.68 11.41 11.49
C TYR A 26 3.46 11.70 12.76
N ASN A 27 3.46 12.94 13.18
CA ASN A 27 4.16 13.30 14.39
C ASN A 27 3.38 12.92 15.63
N ILE A 28 3.99 12.17 16.53
CA ILE A 28 3.31 11.80 17.78
C ILE A 28 3.78 12.72 18.90
N LEU A 29 5.08 12.96 18.96
CA LEU A 29 5.65 13.92 19.90
C LEU A 29 6.72 14.65 19.16
N ASN A 30 6.75 15.95 19.28
CA ASN A 30 7.79 16.73 18.63
C ASN A 30 8.53 17.58 19.63
N SER A 31 9.79 17.21 19.92
CA SER A 31 10.62 17.94 20.90
C SER A 31 9.83 18.20 22.16
N TYR A 32 9.13 17.19 22.63
CA TYR A 32 8.35 17.31 23.83
C TYR A 32 9.30 17.32 25.06
N LEU A 33 9.15 18.33 25.92
CA LEU A 33 10.01 18.49 27.10
C LEU A 33 9.69 17.43 28.15
N THR A 34 10.67 16.60 28.49
CA THR A 34 10.44 15.56 29.48
C THR A 34 10.92 15.97 30.83
N ALA A 35 11.97 16.79 30.85
CA ALA A 35 12.58 17.19 32.10
C ALA A 35 13.53 18.34 31.86
N TYR A 36 13.62 19.25 32.85
CA TYR A 36 14.54 20.37 32.80
C TYR A 36 14.67 21.01 34.18
N ASN A 37 15.89 21.43 34.52
CA ASN A 37 16.12 22.24 35.72
C ASN A 37 17.33 23.12 35.49
N GLY A 38 17.19 24.40 35.80
CA GLY A 38 18.25 25.37 35.60
C GLY A 38 19.34 25.40 36.65
N SER A 39 19.08 24.83 37.82
CA SER A 39 20.08 24.83 38.89
C SER A 39 20.88 23.52 39.07
N HIS A 40 20.21 22.37 39.06
CA HIS A 40 20.92 21.11 39.20
C HIS A 40 21.06 20.33 37.88
N HIS A 41 21.72 19.18 37.93
CA HIS A 41 21.96 18.39 36.73
C HIS A 41 21.50 16.96 36.86
N LEU A 42 20.46 16.74 37.64
CA LEU A 42 19.90 15.41 37.77
C LEU A 42 19.29 14.94 36.46
N TYR A 43 19.00 15.88 35.55
CA TYR A 43 18.38 15.52 34.28
C TYR A 43 19.34 15.65 33.16
N ASP A 44 20.60 15.36 33.43
CA ASP A 44 21.63 15.45 32.42
C ASP A 44 21.80 14.16 31.62
N ARG A 45 21.03 13.13 31.96
CA ARG A 45 21.14 11.84 31.25
C ARG A 45 19.79 11.12 31.14
N MET A 46 18.80 11.83 30.63
CA MET A 46 17.48 11.25 30.46
C MET A 46 17.52 10.10 29.46
N SER A 47 16.85 9.00 29.79
CA SER A 47 16.73 7.88 28.90
C SER A 47 15.30 7.33 28.89
N PHE A 48 14.94 6.69 27.80
CA PHE A 48 13.60 6.17 27.60
C PHE A 48 13.67 4.73 27.15
N LEU A 49 12.99 3.84 27.88
CA LEU A 49 13.07 2.42 27.58
C LEU A 49 11.71 1.83 27.36
N CYS A 50 11.58 0.94 26.37
CA CYS A 50 10.35 0.16 26.22
C CYS A 50 10.32 -0.83 27.37
N LEU A 51 9.15 -1.44 27.63
CA LEU A 51 9.03 -2.37 28.77
C LEU A 51 9.52 -3.75 28.41
N SER A 52 9.72 -3.96 27.14
CA SER A 52 10.12 -5.26 26.65
C SER A 52 10.93 -5.05 25.37
N SER A 53 11.94 -5.89 25.16
CA SER A 53 12.79 -5.75 24.00
C SER A 53 12.21 -6.34 22.74
N GLN A 54 11.30 -7.31 22.87
CA GLN A 54 10.73 -7.94 21.69
C GLN A 54 9.24 -8.01 21.65
N ASN A 55 8.59 -8.03 22.82
CA ASN A 55 7.14 -8.08 22.86
C ASN A 55 6.55 -6.73 22.45
N THR A 56 5.78 -6.75 21.36
CA THR A 56 5.26 -5.52 20.80
C THR A 56 3.96 -4.97 21.40
N LEU A 57 3.40 -5.68 22.36
CA LEU A 57 2.15 -5.28 23.02
C LEU A 57 2.11 -3.78 23.31
N ASN A 58 3.16 -3.25 23.94
CA ASN A 58 3.22 -1.84 24.25
C ASN A 58 4.40 -1.15 23.63
N GLY A 59 4.98 -1.80 22.63
CA GLY A 59 6.11 -1.22 21.93
C GLY A 59 7.35 -1.98 22.34
N ALA A 60 8.03 -2.52 21.34
CA ALA A 60 9.27 -3.26 21.58
C ALA A 60 10.44 -2.44 21.07
N CYS A 61 11.44 -2.25 21.94
CA CYS A 61 12.65 -1.49 21.63
C CYS A 61 13.54 -1.69 22.89
N PRO A 62 14.80 -1.24 22.87
CA PRO A 62 15.70 -1.51 23.99
C PRO A 62 15.06 -1.23 25.35
N SER A 63 15.11 -2.23 26.22
CA SER A 63 14.46 -2.18 27.52
C SER A 63 15.41 -1.89 28.67
N SER A 64 16.69 -1.67 28.35
CA SER A 64 17.67 -1.24 29.36
C SER A 64 18.66 -0.23 28.78
N ASP A 65 19.35 0.49 29.67
CA ASP A 65 20.35 1.46 29.26
C ASP A 65 21.37 0.81 28.36
N ALA A 66 21.76 1.49 27.29
CA ALA A 66 22.79 0.98 26.41
C ALA A 66 24.06 0.84 27.24
N PRO A 67 24.65 -0.35 27.23
CA PRO A 67 25.91 -0.63 27.99
C PRO A 67 27.19 0.10 27.55
N GLY A 68 27.31 0.47 26.27
CA GLY A 68 28.50 1.18 25.81
C GLY A 68 28.50 2.65 26.24
N THR A 69 29.68 3.23 26.44
CA THR A 69 29.75 4.65 26.79
C THR A 69 29.60 5.49 25.51
N ALA A 70 29.83 4.87 24.35
CA ALA A 70 29.65 5.56 23.08
C ALA A 70 28.20 6.03 22.91
N THR A 71 28.04 7.29 22.55
CA THR A 71 26.76 7.89 22.29
C THR A 71 26.19 7.19 21.07
N ILE A 72 24.93 6.81 21.12
CA ILE A 72 24.32 6.24 19.95
C ILE A 72 23.53 7.33 19.26
N ASP A 73 24.04 7.81 18.14
CA ASP A 73 23.39 8.85 17.37
C ASP A 73 22.27 8.24 16.58
N GLY A 74 21.23 9.00 16.30
CA GLY A 74 20.18 8.50 15.43
C GLY A 74 18.86 8.27 16.12
N GLU A 75 18.04 7.42 15.52
CA GLU A 75 16.71 7.20 16.02
C GLU A 75 16.47 5.73 16.40
N THR A 76 15.66 5.53 17.43
CA THR A 76 15.33 4.20 17.92
C THR A 76 14.16 3.63 17.13
N ASN A 77 14.24 2.37 16.73
CA ASN A 77 13.11 1.73 16.06
C ASN A 77 12.24 1.06 17.10
N ILE A 78 10.94 1.37 17.08
CA ILE A 78 10.00 0.76 18.01
C ILE A 78 8.97 -0.01 17.23
N THR A 79 8.81 -1.28 17.52
CA THR A 79 7.78 -2.06 16.84
C THR A 79 6.58 -2.08 17.78
N LEU A 80 5.46 -1.55 17.31
CA LEU A 80 4.25 -1.40 18.10
C LEU A 80 3.01 -2.17 17.55
N GLN A 81 2.38 -2.96 18.40
CA GLN A 81 1.21 -3.69 17.98
C GLN A 81 -0.03 -2.80 17.95
N PHE A 82 -0.76 -2.81 16.83
CA PHE A 82 -2.03 -2.08 16.69
C PHE A 82 -3.17 -3.11 16.57
N THR A 83 -4.29 -2.88 17.24
CA THR A 83 -5.44 -3.79 17.15
C THR A 83 -6.61 -3.07 16.52
N GLU A 84 -7.23 -3.65 15.50
CA GLU A 84 -8.37 -2.98 14.86
C GLU A 84 -9.58 -3.18 15.77
N LYS A 85 -10.26 -2.08 16.06
CA LYS A 85 -11.36 -2.05 17.02
C LYS A 85 -12.41 -3.13 16.91
N ARG A 86 -12.96 -3.31 15.71
CA ARG A 86 -14.07 -4.24 15.49
C ARG A 86 -13.66 -5.67 15.19
N SER A 87 -12.63 -5.82 14.41
CA SER A 87 -12.22 -7.13 13.97
C SER A 87 -11.29 -7.80 14.99
N LEU A 88 -10.63 -6.97 15.81
CA LEU A 88 -9.69 -7.43 16.81
C LEU A 88 -8.45 -8.04 16.17
N ILE A 89 -8.27 -7.78 14.88
CA ILE A 89 -7.09 -8.21 14.14
C ILE A 89 -5.85 -7.39 14.58
N LYS A 90 -4.70 -8.05 14.69
CA LYS A 90 -3.49 -7.37 15.16
C LYS A 90 -2.43 -7.24 14.11
N ARG A 91 -1.84 -6.05 13.99
CA ARG A 91 -0.71 -5.88 13.07
C ARG A 91 0.32 -5.00 13.75
N GLU A 92 1.54 -5.02 13.24
CA GLU A 92 2.63 -4.22 13.83
C GLU A 92 3.10 -3.10 12.90
N LEU A 93 3.33 -1.91 13.46
CA LEU A 93 3.86 -0.79 12.70
C LEU A 93 5.11 -0.24 13.40
N GLN A 94 5.94 0.43 12.66
CA GLN A 94 7.13 1.01 13.23
C GLN A 94 6.86 2.45 13.68
N ILE A 95 7.43 2.80 14.83
CA ILE A 95 7.42 4.17 15.34
C ILE A 95 8.90 4.50 15.49
N LYS A 96 9.30 5.70 15.11
CA LYS A 96 10.68 6.13 15.28
C LYS A 96 10.71 7.03 16.50
N GLY A 97 11.75 6.88 17.31
CA GLY A 97 11.89 7.66 18.53
C GLY A 97 13.32 8.19 18.72
N TYR A 98 13.43 9.37 19.32
CA TYR A 98 14.73 9.95 19.64
C TYR A 98 14.61 11.00 20.72
N LYS A 99 15.75 11.29 21.35
CA LYS A 99 15.80 12.30 22.36
C LYS A 99 16.84 13.34 21.98
N GLN A 100 16.73 14.53 22.55
CA GLN A 100 17.72 15.59 22.30
C GLN A 100 18.01 16.23 23.64
N PHE A 101 19.26 16.58 23.90
CA PHE A 101 19.59 17.17 25.19
C PHE A 101 19.61 18.69 25.14
N LEU A 102 19.33 19.30 26.28
CA LEU A 102 19.30 20.74 26.41
C LEU A 102 20.42 21.16 27.35
N PHE A 103 21.21 22.16 26.93
CA PHE A 103 22.32 22.67 27.74
C PHE A 103 22.17 24.14 27.84
N LYS A 104 22.47 24.68 29.01
CA LYS A 104 22.32 26.12 29.28
C LYS A 104 23.20 27.09 28.48
N ASN A 105 24.44 26.71 28.18
CA ASN A 105 25.35 27.64 27.52
C ASN A 105 25.83 27.28 26.12
N ALA A 106 25.38 26.14 25.61
CA ALA A 106 25.79 25.70 24.28
C ALA A 106 24.69 24.91 23.63
N ASN A 107 24.91 24.55 22.38
CA ASN A 107 23.93 23.84 21.63
C ASN A 107 24.53 22.60 20.99
N CYS A 108 24.04 21.43 21.38
CA CYS A 108 24.42 20.16 20.76
C CYS A 108 23.10 19.43 20.53
N PRO A 109 22.45 19.69 19.40
CA PRO A 109 21.10 19.16 19.15
C PRO A 109 21.04 17.79 18.49
N SER A 110 22.14 17.06 18.50
CA SER A 110 22.15 15.73 17.89
C SER A 110 21.00 14.87 18.38
N LYS A 111 20.44 14.08 17.47
CA LYS A 111 19.37 13.17 17.86
C LYS A 111 20.05 11.95 18.44
N LEU A 112 19.56 11.48 19.57
CA LEU A 112 20.14 10.33 20.24
C LEU A 112 19.11 9.23 20.33
N ALA A 113 19.56 7.99 20.22
CA ALA A 113 18.68 6.85 20.44
C ALA A 113 18.15 6.96 21.87
N LEU A 114 16.91 6.55 22.08
CA LEU A 114 16.25 6.67 23.39
C LEU A 114 17.08 6.11 24.54
N ASN A 115 17.87 5.12 24.18
CA ASN A 115 18.73 4.31 25.04
C ASN A 115 20.10 4.89 25.34
N SER A 116 20.53 5.83 24.52
CA SER A 116 21.91 6.30 24.54
C SER A 116 22.50 6.77 25.83
N SER A 117 23.81 6.58 25.97
CA SER A 117 24.54 7.17 27.05
C SER A 117 24.47 8.66 26.81
N HIS A 118 24.70 9.41 27.88
CA HIS A 118 24.69 10.87 27.84
C HIS A 118 26.03 11.36 27.33
N PHE A 119 26.13 12.66 27.07
CA PHE A 119 27.39 13.27 26.66
C PHE A 119 27.37 14.70 27.18
N GLN A 120 28.52 15.36 27.10
CA GLN A 120 28.58 16.76 27.53
C GLN A 120 28.80 17.67 26.30
N CYS A 121 28.18 18.85 26.32
CA CYS A 121 28.34 19.81 25.22
C CYS A 121 29.39 20.79 25.58
N ASN A 122 30.51 20.77 24.85
CA ASN A 122 31.60 21.66 25.15
C ASN A 122 31.91 21.62 26.63
N ARG A 123 32.00 20.42 27.18
CA ARG A 123 32.28 20.19 28.61
C ARG A 123 31.17 20.55 29.59
N GLU A 124 29.96 20.80 29.09
CA GLU A 124 28.83 21.16 29.95
C GLU A 124 27.82 20.00 30.11
N GLN A 125 27.30 19.82 31.31
CA GLN A 125 26.32 18.76 31.57
C GLN A 125 24.93 19.24 31.19
N ALA A 126 24.14 18.38 30.55
CA ALA A 126 22.81 18.74 30.12
C ALA A 126 21.95 19.15 31.30
N SER A 127 20.95 19.98 31.04
CA SER A 127 20.03 20.39 32.10
C SER A 127 18.67 19.72 31.89
N GLY A 128 18.46 19.14 30.72
CA GLY A 128 17.22 18.47 30.44
C GLY A 128 17.17 17.81 29.07
N ALA A 129 16.01 17.31 28.69
CA ALA A 129 15.87 16.61 27.43
C ALA A 129 14.47 16.61 26.83
N THR A 130 14.40 16.56 25.50
CA THR A 130 13.13 16.45 24.81
C THR A 130 13.02 15.09 24.17
N LEU A 131 11.77 14.67 23.93
CA LEU A 131 11.45 13.39 23.33
C LEU A 131 10.66 13.60 22.04
N SER A 132 11.01 12.87 20.98
CA SER A 132 10.31 12.94 19.72
C SER A 132 9.91 11.53 19.30
N LEU A 133 8.69 11.40 18.82
CA LEU A 133 8.13 10.13 18.34
C LEU A 133 7.33 10.40 17.07
N TYR A 134 7.51 9.57 16.06
CA TYR A 134 6.74 9.72 14.83
C TYR A 134 6.59 8.41 14.11
N ILE A 135 5.58 8.36 13.25
CA ILE A 135 5.36 7.20 12.40
C ILE A 135 5.93 7.57 11.06
N PRO A 136 6.90 6.80 10.57
CA PRO A 136 7.51 7.10 9.27
C PRO A 136 6.51 7.04 8.10
N ALA A 137 6.87 7.72 7.03
CA ALA A 137 6.04 7.76 5.84
C ALA A 137 5.86 6.35 5.31
N GLY A 138 4.65 6.05 4.84
CA GLY A 138 4.37 4.75 4.25
C GLY A 138 4.00 3.63 5.20
N GLU A 139 4.17 3.80 6.53
CA GLU A 139 3.84 2.68 7.47
C GLU A 139 2.42 2.17 7.37
N LEU A 140 1.43 3.07 7.29
CA LEU A 140 0.05 2.64 7.27
C LEU A 140 -0.28 1.80 6.05
N ASN A 141 0.51 1.92 4.97
CA ASN A 141 0.27 1.15 3.72
C ASN A 141 0.28 -0.37 3.96
N LYS A 142 0.97 -0.79 5.02
CA LYS A 142 1.12 -2.21 5.41
C LYS A 142 -0.21 -2.80 5.92
N LEU A 143 -1.07 -1.95 6.49
CA LEU A 143 -2.33 -2.44 7.05
C LEU A 143 -3.23 -3.09 5.98
N PRO A 144 -3.85 -4.21 6.33
CA PRO A 144 -4.64 -5.01 5.38
C PRO A 144 -6.03 -4.51 5.03
N PHE A 145 -6.66 -3.65 5.84
CA PHE A 145 -8.02 -3.17 5.53
C PHE A 145 -8.31 -1.95 6.36
N GLY A 146 -9.35 -1.21 5.98
CA GLY A 146 -9.76 -0.02 6.72
C GLY A 146 -10.38 -0.35 8.07
N GLY A 147 -10.22 0.56 9.03
CA GLY A 147 -10.79 0.39 10.36
C GLY A 147 -10.18 1.38 11.33
N VAL A 148 -10.44 1.17 12.62
CA VAL A 148 -9.92 2.01 13.67
C VAL A 148 -8.84 1.19 14.36
N TRP A 149 -7.59 1.53 14.08
CA TRP A 149 -6.45 0.78 14.62
C TRP A 149 -5.89 1.49 15.86
N ASN A 150 -5.89 0.76 16.98
CA ASN A 150 -5.46 1.31 18.26
C ASN A 150 -4.17 0.70 18.80
N ALA A 151 -3.33 1.52 19.41
CA ALA A 151 -2.13 1.00 20.06
C ALA A 151 -1.91 1.78 21.36
N VAL A 152 -1.20 1.15 22.30
CA VAL A 152 -0.85 1.80 23.54
C VAL A 152 0.65 1.69 23.69
N LEU A 153 1.37 2.76 23.33
CA LEU A 153 2.81 2.81 23.48
C LEU A 153 3.21 3.15 24.93
N LYS A 154 4.12 2.37 25.49
CA LYS A 154 4.62 2.64 26.85
C LYS A 154 6.14 2.80 26.88
N LEU A 155 6.60 3.87 27.53
CA LEU A 155 8.02 4.15 27.69
C LEU A 155 8.31 4.57 29.11
N ASN A 156 9.28 3.92 29.73
CA ASN A 156 9.73 4.34 31.05
C ASN A 156 10.72 5.49 30.88
N VAL A 157 10.56 6.53 31.71
CA VAL A 157 11.40 7.75 31.73
C VAL A 157 12.39 7.60 32.87
N LYS A 158 13.67 7.78 32.55
CA LYS A 158 14.73 7.41 33.48
C LYS A 158 15.87 8.36 33.50
N ARG A 159 16.65 8.27 34.58
CA ARG A 159 17.95 8.90 34.67
C ARG A 159 18.82 7.67 34.41
N ARG A 160 19.58 7.68 33.31
CA ARG A 160 20.46 6.55 32.96
C ARG A 160 21.19 5.95 34.19
N TYR A 161 21.16 4.61 34.31
CA TYR A 161 21.85 3.91 35.40
C TYR A 161 21.43 4.38 36.76
N ASP A 162 20.20 4.89 36.87
CA ASP A 162 19.75 5.47 38.13
C ASP A 162 18.22 5.43 38.17
N THR A 163 17.62 6.37 38.89
CA THR A 163 16.17 6.44 39.10
C THR A 163 15.27 6.35 37.85
N THR A 164 14.19 5.60 37.96
CA THR A 164 13.17 5.54 36.91
C THR A 164 12.08 6.46 37.40
N TYR A 165 11.80 7.52 36.64
CA TYR A 165 10.83 8.53 37.09
C TYR A 165 9.39 8.12 36.89
N GLY A 166 9.11 7.32 35.88
CA GLY A 166 7.74 6.90 35.62
C GLY A 166 7.54 6.41 34.21
N THR A 167 6.28 6.28 33.82
CA THR A 167 5.95 5.75 32.51
C THR A 167 5.06 6.66 31.70
N TYR A 168 5.42 6.86 30.43
CA TYR A 168 4.57 7.60 29.51
C TYR A 168 3.68 6.57 28.85
N THR A 169 2.38 6.76 28.95
CA THR A 169 1.44 5.86 28.30
C THR A 169 0.81 6.66 27.19
N ILE A 170 1.06 6.24 25.95
CA ILE A 170 0.60 6.98 24.80
C ILE A 170 -0.42 6.21 23.97
N ASN A 171 -1.67 6.66 23.99
CA ASN A 171 -2.71 6.00 23.22
C ASN A 171 -2.73 6.56 21.83
N ILE A 172 -2.54 5.70 20.84
CA ILE A 172 -2.55 6.12 19.44
C ILE A 172 -3.69 5.45 18.70
N THR A 173 -4.48 6.27 18.01
CA THR A 173 -5.61 5.81 17.28
C THR A 173 -5.47 6.22 15.84
N VAL A 174 -5.49 5.24 14.93
CA VAL A 174 -5.39 5.50 13.51
C VAL A 174 -6.73 5.22 12.86
N ASN A 175 -7.35 6.27 12.32
CA ASN A 175 -8.60 6.12 11.60
C ASN A 175 -8.26 5.92 10.15
N LEU A 176 -8.32 4.67 9.72
CA LEU A 176 -7.91 4.31 8.36
C LEU A 176 -9.13 3.97 7.49
N THR A 177 -9.54 4.88 6.61
CA THR A 177 -10.66 4.58 5.74
C THR A 177 -10.21 3.89 4.44
N ASP A 178 -11.17 3.40 3.69
CA ASP A 178 -10.89 2.74 2.43
C ASP A 178 -12.11 2.96 1.56
N LYS A 179 -12.30 4.22 1.21
CA LYS A 179 -13.44 4.68 0.46
C LYS A 179 -13.69 4.02 -0.86
N GLY A 180 -12.62 3.79 -1.62
CA GLY A 180 -12.75 3.16 -2.92
C GLY A 180 -13.31 1.75 -2.80
N ASN A 181 -13.29 1.19 -1.60
CA ASN A 181 -13.76 -0.16 -1.42
C ASN A 181 -15.10 -0.28 -0.72
N ILE A 182 -15.74 0.85 -0.49
CA ILE A 182 -17.10 0.82 0.05
C ILE A 182 -17.90 0.16 -1.07
N GLN A 183 -18.73 -0.80 -0.72
CA GLN A 183 -19.49 -1.52 -1.72
C GLN A 183 -20.59 -2.34 -1.12
N ILE A 184 -21.48 -2.80 -2.00
CA ILE A 184 -22.53 -3.74 -1.65
C ILE A 184 -21.98 -5.02 -2.27
N TRP A 185 -21.55 -5.92 -1.41
CA TRP A 185 -20.94 -7.17 -1.84
C TRP A 185 -22.01 -8.23 -2.01
N LEU A 186 -21.93 -8.97 -3.12
CA LEU A 186 -22.87 -10.05 -3.39
C LEU A 186 -22.09 -11.35 -3.52
N PRO A 187 -22.18 -12.23 -2.51
CA PRO A 187 -21.41 -13.46 -2.48
C PRO A 187 -21.61 -14.37 -3.68
N GLN A 188 -22.82 -14.41 -4.25
CA GLN A 188 -23.03 -15.29 -5.38
C GLN A 188 -22.79 -14.66 -6.74
N PHE A 189 -22.47 -13.36 -6.78
CA PHE A 189 -22.26 -12.69 -8.07
C PHE A 189 -21.08 -11.70 -8.11
N LYS A 190 -20.07 -12.01 -8.91
CA LYS A 190 -18.94 -11.10 -9.09
C LYS A 190 -19.40 -9.89 -9.89
N SER A 191 -20.43 -10.09 -10.70
CA SER A 191 -20.99 -9.05 -11.55
C SER A 191 -22.30 -9.59 -12.17
N ASN A 192 -23.14 -8.66 -12.66
CA ASN A 192 -24.45 -9.00 -13.26
C ASN A 192 -25.29 -9.88 -12.35
N ALA A 193 -25.67 -9.40 -11.16
CA ALA A 193 -26.59 -10.17 -10.29
C ALA A 193 -27.97 -10.38 -11.00
N ARG A 194 -28.52 -11.62 -10.93
CA ARG A 194 -29.84 -11.91 -11.50
C ARG A 194 -30.59 -12.92 -10.67
N VAL A 195 -31.86 -12.64 -10.37
CA VAL A 195 -32.74 -13.62 -9.72
C VAL A 195 -34.04 -13.77 -10.47
N ASP A 196 -34.49 -15.00 -10.58
CA ASP A 196 -35.77 -15.27 -11.16
C ASP A 196 -36.76 -15.44 -10.02
N LEU A 197 -38.01 -15.04 -10.20
CA LEU A 197 -39.00 -15.17 -9.14
C LEU A 197 -39.51 -16.60 -8.95
N ASN A 198 -39.11 -17.52 -9.83
CA ASN A 198 -39.60 -18.91 -9.74
C ASN A 198 -41.13 -18.98 -9.63
N LEU A 199 -41.81 -18.25 -10.50
CA LEU A 199 -43.25 -18.29 -10.54
C LEU A 199 -43.78 -19.70 -10.87
N ARG A 200 -44.82 -20.13 -10.14
CA ARG A 200 -45.52 -21.40 -10.43
C ARG A 200 -47.04 -21.19 -10.32
N PRO A 201 -47.83 -21.80 -11.22
CA PRO A 201 -49.29 -21.67 -11.16
C PRO A 201 -49.85 -22.46 -9.98
N THR A 202 -50.78 -21.86 -9.23
CA THR A 202 -51.43 -22.55 -8.13
C THR A 202 -52.90 -22.78 -8.45
N GLY A 203 -53.28 -22.53 -9.70
CA GLY A 203 -54.65 -22.76 -10.12
C GLY A 203 -55.50 -21.49 -10.00
N GLY A 204 -56.44 -21.35 -10.91
CA GLY A 204 -57.32 -20.19 -10.92
C GLY A 204 -56.69 -18.95 -11.53
N GLY A 205 -55.58 -19.14 -12.25
CA GLY A 205 -54.86 -18.03 -12.84
C GLY A 205 -53.94 -17.35 -11.83
N THR A 206 -53.76 -17.95 -10.66
CA THR A 206 -52.89 -17.36 -9.64
C THR A 206 -51.47 -17.92 -9.75
N TYR A 207 -50.49 -17.02 -9.67
CA TYR A 207 -49.10 -17.41 -9.75
C TYR A 207 -48.35 -16.90 -8.55
N ILE A 208 -47.59 -17.79 -7.92
CA ILE A 208 -46.85 -17.42 -6.76
C ILE A 208 -45.36 -17.71 -6.92
N GLY A 209 -44.53 -16.82 -6.39
CA GLY A 209 -43.11 -16.99 -6.49
C GLY A 209 -42.36 -16.40 -5.32
N ARG A 210 -41.19 -16.95 -5.09
CA ARG A 210 -40.32 -16.49 -4.04
C ARG A 210 -38.86 -16.83 -4.32
N ASN A 211 -38.00 -15.85 -4.12
CA ASN A 211 -36.58 -16.11 -4.20
C ASN A 211 -35.84 -15.11 -3.31
N SER A 212 -34.55 -15.27 -3.18
CA SER A 212 -33.83 -14.30 -2.38
C SER A 212 -32.43 -14.08 -2.88
N VAL A 213 -31.86 -12.92 -2.53
CA VAL A 213 -30.48 -12.58 -2.89
C VAL A 213 -29.72 -12.17 -1.62
N ASP A 214 -28.56 -12.78 -1.37
CA ASP A 214 -27.72 -12.42 -0.23
C ASP A 214 -26.77 -11.30 -0.62
N MET A 215 -26.56 -10.39 0.31
CA MET A 215 -25.63 -9.32 0.09
C MET A 215 -24.96 -8.94 1.43
N CYS A 216 -23.94 -8.12 1.35
CA CYS A 216 -23.28 -7.65 2.57
C CYS A 216 -22.90 -6.21 2.33
N PHE A 217 -23.25 -5.34 3.26
CA PHE A 217 -22.94 -3.95 3.13
C PHE A 217 -21.59 -3.66 3.80
N TYR A 218 -20.62 -3.23 3.00
CA TYR A 218 -19.28 -3.01 3.50
C TYR A 218 -18.85 -1.54 3.42
N ASP A 219 -18.43 -0.99 4.56
CA ASP A 219 -18.07 0.41 4.65
C ASP A 219 -16.59 0.74 4.47
N GLY A 220 -15.77 -0.24 4.08
CA GLY A 220 -14.34 -0.02 3.94
C GLY A 220 -13.71 0.43 5.29
N TYR A 221 -14.38 0.13 6.40
CA TYR A 221 -13.99 0.67 7.70
C TYR A 221 -14.34 -0.28 8.83
N SER A 222 -14.39 -1.57 8.53
CA SER A 222 -14.62 -2.61 9.53
C SER A 222 -15.91 -2.45 10.33
N THR A 223 -16.93 -1.85 9.68
CA THR A 223 -18.23 -1.58 10.30
C THR A 223 -18.17 -0.61 11.45
N ASN A 224 -17.22 0.32 11.42
CA ASN A 224 -17.12 1.32 12.47
C ASN A 224 -18.07 2.50 12.21
N SER A 225 -18.66 2.56 11.01
CA SER A 225 -19.61 3.64 10.68
C SER A 225 -20.82 3.51 11.59
N SER A 226 -21.36 4.63 12.08
CA SER A 226 -22.47 4.56 13.00
C SER A 226 -23.87 4.46 12.38
N SER A 227 -23.99 4.72 11.08
CA SER A 227 -25.28 4.56 10.42
C SER A 227 -25.13 4.29 8.96
N LEU A 228 -26.16 3.73 8.36
CA LEU A 228 -26.14 3.53 6.93
C LEU A 228 -27.43 3.93 6.25
N GLU A 229 -27.32 4.42 5.03
CA GLU A 229 -28.49 4.74 4.25
C GLU A 229 -28.53 3.73 3.13
N ILE A 230 -29.68 3.09 2.99
CA ILE A 230 -29.84 2.03 2.02
C ILE A 230 -31.15 2.28 1.28
N ARG A 231 -31.17 2.00 -0.02
CA ARG A 231 -32.37 2.19 -0.85
C ARG A 231 -32.50 1.15 -2.00
N PHE A 232 -33.73 0.75 -2.29
CA PHE A 232 -34.00 -0.15 -3.40
C PHE A 232 -34.95 0.54 -4.35
N GLN A 233 -34.65 0.51 -5.63
CA GLN A 233 -35.41 1.29 -6.58
C GLN A 233 -35.40 0.63 -7.97
N ASP A 234 -36.46 0.83 -8.74
CA ASP A 234 -36.51 0.23 -10.09
C ASP A 234 -36.76 1.24 -11.17
N ASP A 235 -36.56 0.81 -12.43
CA ASP A 235 -36.81 1.68 -13.60
C ASP A 235 -38.20 2.32 -13.48
N ASN A 236 -39.19 1.46 -13.61
CA ASN A 236 -40.64 1.79 -13.58
C ASN A 236 -41.10 2.63 -12.40
N SER A 237 -40.50 3.79 -12.19
CA SER A 237 -40.94 4.60 -11.10
C SER A 237 -42.30 5.22 -11.48
N LYS A 238 -43.39 4.64 -10.96
CA LYS A 238 -44.74 5.22 -11.15
C LYS A 238 -45.26 5.91 -9.87
N SER A 239 -44.37 6.05 -8.88
CA SER A 239 -44.64 6.79 -7.63
C SER A 239 -45.57 6.13 -6.61
N ASP A 240 -45.73 4.82 -6.66
CA ASP A 240 -46.62 4.15 -5.71
C ASP A 240 -45.88 3.22 -4.72
N GLY A 241 -44.55 3.22 -4.76
CA GLY A 241 -43.75 2.41 -3.85
C GLY A 241 -43.75 0.91 -4.19
N LYS A 242 -44.32 0.56 -5.34
CA LYS A 242 -44.36 -0.83 -5.75
C LYS A 242 -43.30 -1.13 -6.76
N PHE A 243 -42.97 -2.41 -6.88
CA PHE A 243 -41.96 -2.92 -7.80
C PHE A 243 -42.62 -3.73 -8.92
N TYR A 244 -42.27 -3.41 -10.17
CA TYR A 244 -42.87 -4.05 -11.34
C TYR A 244 -41.88 -4.72 -12.29
N LEU A 245 -42.24 -5.91 -12.76
CA LEU A 245 -41.51 -6.55 -13.84
C LEU A 245 -42.37 -6.24 -15.08
N LYS A 246 -41.74 -6.06 -16.21
CA LYS A 246 -42.46 -5.76 -17.42
C LYS A 246 -42.26 -6.92 -18.38
N LYS A 247 -43.29 -7.20 -19.17
CA LYS A 247 -43.19 -8.25 -20.14
C LYS A 247 -42.27 -7.81 -21.28
N ILE A 248 -41.26 -8.62 -21.55
CA ILE A 248 -40.33 -8.39 -22.64
C ILE A 248 -41.14 -8.35 -23.95
N ASN A 249 -40.95 -7.36 -24.79
CA ASN A 249 -41.74 -7.27 -26.02
C ASN A 249 -43.15 -6.70 -25.85
N ASP A 250 -43.55 -6.43 -24.62
CA ASP A 250 -44.87 -5.84 -24.37
C ASP A 250 -44.84 -5.07 -23.05
N ASP A 251 -44.27 -3.86 -23.10
CA ASP A 251 -44.10 -3.00 -21.93
C ASP A 251 -45.39 -2.67 -21.18
N SER A 252 -46.51 -2.70 -21.87
CA SER A 252 -47.77 -2.40 -21.22
C SER A 252 -48.20 -3.45 -20.17
N LYS A 253 -47.67 -4.69 -20.28
CA LYS A 253 -48.03 -5.76 -19.35
C LYS A 253 -47.04 -5.82 -18.18
N GLU A 254 -47.57 -5.69 -16.98
CA GLU A 254 -46.75 -5.63 -15.78
C GLU A 254 -47.04 -6.74 -14.79
N LEU A 255 -46.10 -6.95 -13.87
CA LEU A 255 -46.24 -7.97 -12.83
C LEU A 255 -45.59 -7.42 -11.55
N VAL A 256 -46.41 -7.28 -10.50
CA VAL A 256 -45.97 -6.72 -9.21
C VAL A 256 -45.31 -7.72 -8.28
N TYR A 257 -44.22 -7.29 -7.62
CA TYR A 257 -43.58 -8.14 -6.61
C TYR A 257 -43.22 -7.26 -5.42
N THR A 258 -42.94 -7.88 -4.26
CA THR A 258 -42.61 -7.12 -3.05
C THR A 258 -41.27 -7.54 -2.46
N LEU A 259 -40.67 -6.66 -1.67
CA LEU A 259 -39.38 -6.96 -1.07
C LEU A 259 -39.44 -6.95 0.44
N SER A 260 -38.68 -7.84 1.05
CA SER A 260 -38.49 -7.80 2.48
C SER A 260 -36.98 -8.04 2.69
N LEU A 261 -36.40 -7.42 3.71
CA LEU A 261 -34.97 -7.50 3.91
C LEU A 261 -34.60 -7.83 5.33
N LEU A 262 -33.90 -8.95 5.51
CA LEU A 262 -33.34 -9.26 6.82
C LEU A 262 -31.96 -8.61 6.82
N LEU A 263 -31.84 -7.47 7.50
CA LEU A 263 -30.57 -6.75 7.53
C LEU A 263 -29.88 -6.93 8.87
N ALA A 264 -28.89 -7.82 8.91
CA ALA A 264 -28.10 -8.04 10.11
C ALA A 264 -28.90 -8.16 11.37
N GLY A 265 -29.96 -9.00 11.35
CA GLY A 265 -30.80 -9.21 12.54
C GLY A 265 -32.06 -8.32 12.60
N LYS A 266 -32.14 -7.34 11.71
CA LYS A 266 -33.28 -6.40 11.66
C LYS A 266 -34.16 -6.68 10.43
N ASN A 267 -35.45 -6.94 10.65
CA ASN A 267 -36.39 -7.17 9.55
C ASN A 267 -36.96 -5.89 9.00
N LEU A 268 -36.70 -5.62 7.73
CA LEU A 268 -37.19 -4.40 7.11
C LEU A 268 -38.08 -4.70 5.88
N THR A 269 -38.82 -3.68 5.46
CA THR A 269 -39.68 -3.79 4.30
C THR A 269 -39.44 -2.61 3.36
N PRO A 270 -38.50 -2.77 2.45
CA PRO A 270 -38.16 -1.72 1.49
C PRO A 270 -39.26 -1.51 0.47
N THR A 271 -39.62 -0.26 0.21
CA THR A 271 -40.58 0.05 -0.84
C THR A 271 -39.83 0.85 -1.88
N ASN A 272 -40.32 0.81 -3.11
CA ASN A 272 -39.68 1.45 -4.24
C ASN A 272 -39.33 2.93 -4.04
N GLY A 273 -38.03 3.22 -3.94
CA GLY A 273 -37.56 4.59 -3.78
C GLY A 273 -37.52 5.16 -2.38
N GLN A 274 -37.93 4.37 -1.39
CA GLN A 274 -37.87 4.85 -0.01
C GLN A 274 -36.57 4.46 0.68
N ALA A 275 -35.75 5.46 0.93
CA ALA A 275 -34.49 5.27 1.62
C ALA A 275 -34.73 4.80 3.04
N LEU A 276 -33.89 3.90 3.50
CA LEU A 276 -33.92 3.40 4.85
C LEU A 276 -32.67 3.94 5.58
N ASN A 277 -32.86 4.47 6.78
CA ASN A 277 -31.76 4.98 7.58
C ASN A 277 -31.63 4.18 8.87
N ILE A 278 -30.55 3.43 9.00
CA ILE A 278 -30.38 2.52 10.11
C ILE A 278 -29.18 2.81 10.99
N ASN A 279 -29.39 2.85 12.29
CA ASN A 279 -28.28 2.99 13.22
C ASN A 279 -27.58 1.64 13.31
N THR A 280 -26.27 1.70 13.20
CA THR A 280 -25.41 0.55 13.12
C THR A 280 -25.15 -0.24 14.41
N ALA A 281 -25.17 0.46 15.55
CA ALA A 281 -24.83 -0.12 16.85
C ALA A 281 -25.44 -1.48 17.17
N SER A 282 -26.70 -1.66 16.86
CA SER A 282 -27.37 -2.89 17.20
C SER A 282 -27.31 -3.97 16.09
N LEU A 283 -26.68 -3.64 14.95
CA LEU A 283 -26.63 -4.56 13.82
C LEU A 283 -25.57 -5.63 13.95
N GLU A 284 -25.91 -6.85 13.54
CA GLU A 284 -24.94 -7.93 13.54
C GLU A 284 -23.98 -7.77 12.37
N THR A 285 -22.83 -8.40 12.43
CA THR A 285 -21.91 -8.35 11.32
C THR A 285 -21.41 -9.76 10.99
N ASN A 286 -20.89 -9.94 9.78
CA ASN A 286 -20.33 -11.22 9.37
C ASN A 286 -18.97 -10.98 8.82
N TRP A 287 -18.18 -12.04 8.77
CA TRP A 287 -16.89 -12.00 8.10
C TRP A 287 -17.12 -12.41 6.65
N ASN A 288 -16.66 -11.62 5.71
CA ASN A 288 -16.72 -12.02 4.29
C ASN A 288 -15.41 -11.77 3.57
N ARG A 289 -15.07 -12.67 2.66
CA ARG A 289 -13.88 -12.55 1.84
C ARG A 289 -14.20 -11.55 0.71
N ILE A 290 -14.49 -10.30 1.08
CA ILE A 290 -14.80 -9.24 0.14
C ILE A 290 -13.54 -8.78 -0.59
N THR A 291 -13.59 -8.73 -1.93
CA THR A 291 -12.44 -8.27 -2.71
C THR A 291 -12.57 -6.78 -3.00
N ALA A 292 -11.45 -6.18 -3.38
CA ALA A 292 -11.38 -4.77 -3.69
C ALA A 292 -12.18 -4.45 -4.96
N VAL A 293 -12.81 -3.27 -5.02
CA VAL A 293 -13.51 -2.86 -6.21
C VAL A 293 -12.44 -2.72 -7.30
N THR A 294 -11.44 -1.86 -7.07
CA THR A 294 -10.23 -1.80 -7.94
C THR A 294 -8.98 -2.01 -7.07
N MET A 295 -8.54 -0.95 -6.39
CA MET A 295 -7.41 -1.00 -5.48
C MET A 295 -7.75 -0.02 -4.36
N PRO A 296 -7.12 -0.15 -3.18
CA PRO A 296 -6.12 -1.18 -2.91
C PRO A 296 -6.72 -2.52 -2.48
N GLU A 297 -5.88 -3.54 -2.48
CA GLU A 297 -6.28 -4.88 -2.14
C GLU A 297 -6.84 -4.96 -0.74
N ILE A 298 -7.80 -5.84 -0.55
CA ILE A 298 -8.28 -6.19 0.77
C ILE A 298 -7.70 -7.62 0.91
N SER A 299 -6.64 -7.80 1.71
CA SER A 299 -5.88 -9.10 1.72
C SER A 299 -6.48 -10.22 2.54
N VAL A 300 -7.42 -9.86 3.40
CA VAL A 300 -7.90 -10.76 4.38
C VAL A 300 -9.42 -10.49 4.62
N PRO A 301 -10.19 -11.48 5.04
CA PRO A 301 -11.64 -11.28 5.28
C PRO A 301 -11.93 -10.05 6.16
N VAL A 302 -13.05 -9.39 5.87
CA VAL A 302 -13.43 -8.19 6.57
C VAL A 302 -14.85 -8.25 7.13
N LEU A 303 -15.18 -7.33 8.03
CA LEU A 303 -16.49 -7.31 8.63
C LEU A 303 -17.44 -6.57 7.74
N CYS A 304 -18.70 -7.01 7.74
CA CYS A 304 -19.72 -6.33 6.96
C CYS A 304 -21.11 -6.62 7.51
N TRP A 305 -22.10 -5.81 7.12
CA TRP A 305 -23.46 -6.03 7.60
C TRP A 305 -24.21 -6.87 6.57
N PRO A 306 -24.55 -8.09 6.93
CA PRO A 306 -25.20 -9.02 5.99
C PRO A 306 -26.66 -8.69 5.76
N GLY A 307 -27.14 -8.88 4.53
CA GLY A 307 -28.54 -8.70 4.24
C GLY A 307 -29.08 -9.82 3.36
N ARG A 308 -30.28 -10.31 3.66
CA ARG A 308 -30.94 -11.28 2.78
C ARG A 308 -32.18 -10.64 2.22
N LEU A 309 -32.17 -10.37 0.93
CA LEU A 309 -33.30 -9.74 0.27
C LEU A 309 -34.19 -10.83 -0.31
N GLN A 310 -35.45 -10.86 0.15
CA GLN A 310 -36.41 -11.84 -0.32
C GLN A 310 -37.40 -11.15 -1.28
N LEU A 311 -37.63 -11.78 -2.43
CA LEU A 311 -38.55 -11.21 -3.39
C LEU A 311 -39.75 -12.13 -3.43
N ASP A 312 -40.94 -11.58 -3.17
CA ASP A 312 -42.20 -12.34 -3.22
C ASP A 312 -43.16 -11.82 -4.27
N ALA A 313 -43.88 -12.75 -4.90
CA ALA A 313 -44.91 -12.41 -5.85
C ALA A 313 -46.12 -13.34 -5.69
N LYS A 314 -47.31 -12.75 -5.66
CA LYS A 314 -48.57 -13.49 -5.63
C LYS A 314 -49.40 -12.76 -6.65
N VAL A 315 -49.50 -13.33 -7.84
CA VAL A 315 -50.06 -12.60 -8.93
C VAL A 315 -51.32 -13.23 -9.57
N LYS A 316 -52.26 -12.37 -9.94
CA LYS A 316 -53.58 -12.81 -10.40
C LYS A 316 -53.74 -12.58 -11.90
N ASN A 317 -53.92 -13.66 -12.66
CA ASN A 317 -54.16 -13.57 -14.10
C ASN A 317 -53.14 -12.82 -14.95
N PRO A 318 -51.85 -13.09 -14.77
CA PRO A 318 -50.83 -12.42 -15.57
C PRO A 318 -50.85 -13.02 -16.95
N GLU A 319 -50.38 -12.32 -17.95
CA GLU A 319 -50.33 -12.90 -19.24
C GLU A 319 -49.08 -13.80 -19.33
N ALA A 320 -49.16 -14.90 -20.08
CA ALA A 320 -48.00 -15.78 -20.28
C ALA A 320 -46.84 -15.04 -20.93
N GLY A 321 -45.61 -15.49 -20.67
CA GLY A 321 -44.46 -14.85 -21.28
C GLY A 321 -43.33 -14.58 -20.31
N GLN A 322 -42.30 -13.89 -20.79
CA GLN A 322 -41.14 -13.56 -19.97
C GLN A 322 -41.21 -12.11 -19.50
N TYR A 323 -40.94 -11.94 -18.22
CA TYR A 323 -40.96 -10.65 -17.57
C TYR A 323 -39.56 -10.29 -17.07
N MET A 324 -39.27 -8.99 -16.98
CA MET A 324 -37.95 -8.55 -16.56
C MET A 324 -38.00 -7.13 -15.99
N GLY A 325 -37.16 -6.89 -15.01
CA GLY A 325 -37.02 -5.59 -14.40
C GLY A 325 -35.65 -5.52 -13.74
N ASN A 326 -35.35 -4.37 -13.15
CA ASN A 326 -34.07 -4.17 -12.49
C ASN A 326 -34.29 -3.61 -11.11
N ILE A 327 -33.47 -3.99 -10.16
CA ILE A 327 -33.50 -3.35 -8.85
C ILE A 327 -32.17 -2.65 -8.63
N LYS A 328 -32.21 -1.34 -8.43
CA LYS A 328 -31.02 -0.63 -8.15
C LYS A 328 -30.89 -0.45 -6.64
N ILE A 329 -29.86 -1.05 -6.04
CA ILE A 329 -29.63 -0.89 -4.61
C ILE A 329 -28.57 0.16 -4.41
N THR A 330 -28.86 1.17 -3.58
CA THR A 330 -27.82 2.16 -3.26
C THR A 330 -27.48 2.09 -1.78
N PHE A 331 -26.23 2.45 -1.47
CA PHE A 331 -25.70 2.35 -0.11
C PHE A 331 -24.76 3.51 0.19
N THR A 332 -24.99 4.17 1.34
CA THR A 332 -24.09 5.22 1.81
C THR A 332 -23.83 5.03 3.30
N PRO A 333 -22.61 4.63 3.65
CA PRO A 333 -22.23 4.50 5.08
C PRO A 333 -21.98 5.89 5.61
N SER A 334 -22.29 6.14 6.86
CA SER A 334 -22.07 7.45 7.47
C SER A 334 -20.59 7.77 7.55
N SER A 335 -20.30 8.99 7.94
CA SER A 335 -18.95 9.45 8.08
C SER A 335 -18.79 10.42 9.27
N GLN A 336 -17.52 10.75 9.66
CA GLN A 336 -17.41 11.86 10.65
C GLN A 336 -17.19 13.01 9.72
N THR A 337 -17.98 14.00 9.90
CA THR A 337 -18.50 14.52 8.64
C THR A 337 -17.82 14.95 7.36
N LEU A 338 -17.10 13.99 6.74
CA LEU A 338 -16.58 14.18 5.39
C LEU A 338 -17.83 14.01 4.53
N ASP A 339 -18.44 12.85 4.62
CA ASP A 339 -19.73 12.55 3.95
C ASP A 339 -19.70 11.59 2.77
N ASN A 340 -19.13 10.40 2.91
CA ASN A 340 -18.95 9.37 1.86
C ASN A 340 -19.81 9.40 0.60
N LYS A 341 -19.25 8.77 -0.44
CA LYS A 341 -19.96 8.65 -1.71
C LYS A 341 -20.97 7.52 -1.61
N GLN A 342 -21.94 7.56 -2.48
CA GLN A 342 -22.94 6.55 -2.55
C GLN A 342 -22.47 5.51 -3.53
N VAL A 343 -22.68 4.24 -3.20
CA VAL A 343 -22.35 3.19 -4.14
C VAL A 343 -23.60 2.43 -4.54
N GLU A 344 -23.49 1.62 -5.59
CA GLU A 344 -24.65 0.88 -6.04
C GLU A 344 -24.37 -0.51 -6.55
N LYS A 345 -25.45 -1.29 -6.67
CA LYS A 345 -25.44 -2.64 -7.22
C LYS A 345 -26.77 -2.83 -7.92
N ASN A 346 -26.75 -3.47 -9.09
CA ASN A 346 -27.99 -3.71 -9.80
C ASN A 346 -28.31 -5.17 -9.90
N ILE A 347 -29.56 -5.53 -9.63
CA ILE A 347 -29.99 -6.90 -9.76
C ILE A 347 -31.01 -7.02 -10.89
N THR A 348 -30.75 -7.92 -11.82
CA THR A 348 -31.70 -8.20 -12.86
C THR A 348 -32.73 -9.21 -12.31
N VAL A 349 -33.99 -8.81 -12.28
CA VAL A 349 -35.07 -9.69 -11.82
C VAL A 349 -35.89 -10.23 -13.01
N THR A 350 -36.09 -11.53 -13.07
CA THR A 350 -36.91 -12.14 -14.13
C THR A 350 -37.99 -13.01 -13.55
N ALA A 351 -38.94 -13.39 -14.42
CA ALA A 351 -40.04 -14.28 -14.08
C ALA A 351 -40.67 -14.79 -15.35
N SER A 352 -41.11 -16.04 -15.35
CA SER A 352 -41.82 -16.62 -16.48
C SER A 352 -43.21 -17.03 -16.02
N VAL A 353 -44.23 -16.62 -16.77
CA VAL A 353 -45.58 -17.10 -16.52
C VAL A 353 -45.78 -18.23 -17.56
N ASP A 354 -45.81 -19.45 -17.06
CA ASP A 354 -45.87 -20.61 -17.93
C ASP A 354 -46.99 -21.53 -17.40
N PRO A 355 -48.11 -21.55 -18.09
CA PRO A 355 -49.28 -22.32 -17.60
C PRO A 355 -49.15 -23.84 -17.82
N VAL A 356 -48.06 -24.29 -18.45
CA VAL A 356 -47.82 -25.72 -18.68
C VAL A 356 -47.67 -26.50 -17.37
N ALA B 1 23.36 -34.78 10.74
CA ALA B 1 24.80 -34.53 10.44
C ALA B 1 25.31 -33.35 11.26
N ASP B 2 26.57 -33.39 11.67
CA ASP B 2 27.14 -32.29 12.43
C ASP B 2 27.37 -31.06 11.57
N LYS B 3 27.35 -29.90 12.18
CA LYS B 3 27.68 -28.67 11.50
C LYS B 3 28.39 -27.76 12.47
N ASN B 4 29.53 -27.23 12.05
CA ASN B 4 30.27 -26.27 12.84
C ASN B 4 29.93 -24.88 12.33
N PRO B 5 29.54 -23.99 13.24
CA PRO B 5 29.13 -22.63 12.90
C PRO B 5 30.31 -21.87 12.33
N GLY B 6 30.02 -20.90 11.45
CA GLY B 6 31.06 -20.10 10.83
C GLY B 6 30.41 -19.04 9.96
N SER B 7 31.22 -18.26 9.27
CA SER B 7 30.70 -17.24 8.39
C SER B 7 30.05 -17.87 7.18
N GLU B 8 29.02 -17.21 6.65
CA GLU B 8 28.35 -17.67 5.45
C GLU B 8 27.84 -16.49 4.66
N ASN B 9 27.75 -16.68 3.36
CA ASN B 9 27.27 -15.65 2.49
C ASN B 9 26.08 -16.21 1.74
N MET B 10 24.94 -15.54 1.83
CA MET B 10 23.75 -16.04 1.15
C MET B 10 23.07 -14.95 0.32
N THR B 11 22.21 -15.38 -0.59
CA THR B 11 21.56 -14.47 -1.48
C THR B 11 20.09 -14.88 -1.69
N ASN B 12 19.19 -13.91 -1.60
CA ASN B 12 17.76 -14.14 -1.80
C ASN B 12 17.25 -13.16 -2.78
N THR B 13 16.38 -13.64 -3.66
CA THR B 13 15.74 -12.80 -4.63
C THR B 13 14.22 -12.89 -4.39
N ILE B 14 13.62 -11.76 -3.99
CA ILE B 14 12.20 -11.67 -3.69
C ILE B 14 11.47 -11.10 -4.87
N GLY B 15 10.38 -11.74 -5.28
CA GLY B 15 9.57 -11.22 -6.37
C GLY B 15 9.83 -11.94 -7.65
N PRO B 16 9.49 -11.34 -8.78
CA PRO B 16 8.90 -9.99 -8.86
C PRO B 16 7.55 -9.81 -8.12
N HIS B 17 7.41 -8.72 -7.37
CA HIS B 17 6.15 -8.40 -6.71
C HIS B 17 5.68 -7.05 -7.24
N ASP B 18 4.42 -6.98 -7.62
CA ASP B 18 3.87 -5.74 -8.12
C ASP B 18 3.24 -4.90 -7.01
N ARG B 19 3.58 -3.62 -6.96
CA ARG B 19 3.05 -2.66 -5.94
C ARG B 19 1.52 -2.57 -5.92
N GLY B 20 0.87 -3.04 -6.97
CA GLY B 20 -0.58 -3.02 -7.05
C GLY B 20 -1.27 -3.99 -6.09
N GLY B 21 -0.51 -4.92 -5.54
CA GLY B 21 -1.04 -5.90 -4.61
C GLY B 21 -0.27 -5.86 -3.29
N SER B 22 -0.90 -6.32 -2.23
CA SER B 22 -0.26 -6.35 -0.94
C SER B 22 0.80 -7.47 -0.89
N SER B 23 1.93 -7.22 -0.24
CA SER B 23 2.99 -8.22 -0.24
C SER B 23 2.74 -9.35 0.75
N PRO B 24 2.97 -10.58 0.32
CA PRO B 24 2.77 -11.71 1.22
C PRO B 24 4.01 -11.92 2.07
N ILE B 25 3.95 -12.83 3.03
CA ILE B 25 5.13 -13.20 3.79
C ILE B 25 6.22 -13.72 2.81
N TYR B 26 7.46 -13.29 2.98
CA TYR B 26 8.56 -13.82 2.18
C TYR B 26 9.58 -14.51 3.08
N ASN B 27 9.78 -15.81 2.87
CA ASN B 27 10.76 -16.58 3.62
C ASN B 27 12.16 -16.26 3.15
N ILE B 28 13.05 -15.90 4.07
CA ILE B 28 14.46 -15.66 3.71
C ILE B 28 15.27 -16.89 4.11
N LEU B 29 15.06 -17.37 5.33
CA LEU B 29 15.64 -18.62 5.83
C LEU B 29 14.53 -19.34 6.58
N ASN B 30 14.48 -20.65 6.42
CA ASN B 30 13.47 -21.43 7.08
C ASN B 30 14.11 -22.60 7.81
N SER B 31 14.18 -22.50 9.15
CA SER B 31 14.84 -23.55 9.98
C SER B 31 16.16 -23.95 9.41
N TYR B 32 16.98 -22.98 9.11
CA TYR B 32 18.28 -23.26 8.54
C TYR B 32 19.23 -23.70 9.67
N LEU B 33 19.89 -24.84 9.48
CA LEU B 33 20.82 -25.37 10.49
C LEU B 33 22.08 -24.50 10.59
N THR B 34 22.33 -23.94 11.78
CA THR B 34 23.51 -23.12 11.97
C THR B 34 24.63 -23.87 12.67
N ALA B 35 24.27 -24.82 13.49
CA ALA B 35 25.24 -25.56 14.28
C ALA B 35 24.59 -26.79 14.87
N TYR B 36 25.35 -27.86 14.94
CA TYR B 36 24.92 -29.08 15.58
C TYR B 36 26.13 -29.97 15.82
N ASN B 37 26.14 -30.62 16.97
CA ASN B 37 27.15 -31.65 17.26
C ASN B 37 26.54 -32.70 18.15
N GLY B 38 26.64 -33.96 17.74
CA GLY B 38 26.04 -35.05 18.48
C GLY B 38 26.75 -35.52 19.75
N SER B 39 27.95 -35.02 20.00
CA SER B 39 28.62 -35.45 21.21
C SER B 39 28.81 -34.37 22.25
N HIS B 40 29.29 -33.19 21.89
CA HIS B 40 29.45 -32.17 22.93
C HIS B 40 28.26 -31.18 22.96
N HIS B 41 28.32 -30.24 23.89
CA HIS B 41 27.29 -29.25 24.03
C HIS B 41 27.75 -27.81 23.83
N LEU B 42 28.80 -27.61 23.03
CA LEU B 42 29.28 -26.26 22.73
C LEU B 42 28.20 -25.44 22.01
N TYR B 43 27.31 -26.12 21.29
CA TYR B 43 26.25 -25.40 20.55
C TYR B 43 24.92 -25.44 21.27
N ASP B 44 24.96 -25.46 22.60
CA ASP B 44 23.73 -25.48 23.39
C ASP B 44 23.14 -24.09 23.62
N ARG B 45 23.81 -23.03 23.18
CA ARG B 45 23.28 -21.67 23.36
C ARG B 45 23.59 -20.73 22.19
N MET B 46 23.26 -21.17 21.00
CA MET B 46 23.50 -20.36 19.82
C MET B 46 22.73 -19.05 19.89
N SER B 47 23.41 -17.94 19.56
CA SER B 47 22.77 -16.64 19.48
C SER B 47 23.20 -15.89 18.24
N PHE B 48 22.37 -14.94 17.83
CA PHE B 48 22.58 -14.18 16.62
C PHE B 48 22.32 -12.72 16.93
N LEU B 49 23.29 -11.86 16.60
CA LEU B 49 23.20 -10.45 16.94
C LEU B 49 23.39 -9.59 15.71
N CYS B 50 22.66 -8.46 15.64
CA CYS B 50 22.92 -7.48 14.58
C CYS B 50 24.23 -6.77 14.96
N LEU B 51 24.85 -6.09 14.00
CA LEU B 51 26.12 -5.41 14.28
C LEU B 51 25.91 -4.08 15.00
N SER B 52 24.69 -3.58 14.96
CA SER B 52 24.36 -2.31 15.58
C SER B 52 22.93 -2.39 16.09
N SER B 53 22.66 -1.75 17.21
CA SER B 53 21.33 -1.80 17.77
C SER B 53 20.35 -0.83 17.08
N GLN B 54 20.86 0.27 16.50
CA GLN B 54 19.98 1.27 15.86
C GLN B 54 20.29 1.61 14.41
N ASN B 55 21.52 1.33 13.98
CA ASN B 55 21.95 1.64 12.62
C ASN B 55 21.45 0.54 11.67
N THR B 56 20.61 0.93 10.71
CA THR B 56 19.94 -0.04 9.84
C THR B 56 20.71 -0.47 8.62
N LEU B 57 21.91 0.09 8.44
CA LEU B 57 22.78 -0.24 7.28
C LEU B 57 22.75 -1.75 6.93
N ASN B 58 23.00 -2.59 7.93
CA ASN B 58 23.00 -4.03 7.74
C ASN B 58 22.03 -4.70 8.67
N GLY B 59 21.05 -3.95 9.14
CA GLY B 59 20.03 -4.51 10.01
C GLY B 59 20.30 -4.13 11.44
N ALA B 60 19.32 -3.49 12.06
CA ALA B 60 19.41 -3.07 13.43
C ALA B 60 18.49 -3.96 14.28
N CYS B 61 19.08 -4.55 15.32
CA CYS B 61 18.38 -5.39 16.28
C CYS B 61 19.39 -5.56 17.43
N PRO B 62 19.00 -6.17 18.54
CA PRO B 62 19.92 -6.26 19.69
C PRO B 62 21.33 -6.74 19.27
N SER B 63 22.33 -5.95 19.63
CA SER B 63 23.73 -6.16 19.26
C SER B 63 24.57 -6.90 20.33
N SER B 64 23.97 -7.18 21.48
CA SER B 64 24.61 -8.03 22.47
C SER B 64 23.63 -9.07 23.06
N ASP B 65 24.18 -10.10 23.70
CA ASP B 65 23.36 -11.16 24.30
C ASP B 65 22.39 -10.54 25.29
N ALA B 66 21.16 -11.02 25.33
CA ALA B 66 20.19 -10.51 26.29
C ALA B 66 20.70 -10.79 27.70
N PRO B 67 20.65 -9.79 28.56
CA PRO B 67 21.14 -9.94 29.95
C PRO B 67 20.23 -10.81 30.80
N GLY B 68 18.95 -10.91 30.46
CA GLY B 68 18.06 -11.74 31.23
C GLY B 68 18.40 -13.22 31.06
N THR B 69 18.30 -14.01 32.14
CA THR B 69 18.50 -15.45 32.02
C THR B 69 17.16 -16.12 31.67
N ALA B 70 16.08 -15.37 31.75
CA ALA B 70 14.79 -15.93 31.31
C ALA B 70 14.82 -15.85 29.79
N THR B 71 14.26 -16.85 29.12
CA THR B 71 14.21 -16.79 27.67
C THR B 71 13.31 -15.68 27.20
N ILE B 72 13.59 -15.20 26.01
CA ILE B 72 12.75 -14.23 25.35
C ILE B 72 12.07 -15.04 24.23
N ASP B 73 10.80 -15.38 24.42
CA ASP B 73 10.08 -16.21 23.47
C ASP B 73 9.54 -15.36 22.34
N GLY B 74 9.51 -15.89 21.14
CA GLY B 74 8.96 -15.11 20.06
C GLY B 74 9.99 -14.79 19.01
N GLU B 75 9.75 -13.71 18.29
CA GLU B 75 10.59 -13.33 17.20
C GLU B 75 11.23 -11.97 17.43
N THR B 76 12.39 -11.80 16.82
CA THR B 76 13.14 -10.57 16.93
C THR B 76 12.74 -9.63 15.77
N ASN B 77 12.62 -8.33 16.06
CA ASN B 77 12.35 -7.36 15.00
C ASN B 77 13.66 -6.79 14.47
N ILE B 78 13.88 -6.89 13.15
CA ILE B 78 15.07 -6.30 12.56
C ILE B 78 14.67 -5.21 11.59
N THR B 79 15.18 -4.00 11.77
CA THR B 79 14.93 -2.92 10.80
C THR B 79 16.11 -2.90 9.83
N LEU B 80 15.82 -3.09 8.55
CA LEU B 80 16.85 -3.24 7.52
C LEU B 80 16.73 -2.21 6.38
N GLN B 81 17.82 -1.47 6.14
CA GLN B 81 17.85 -0.50 5.06
C GLN B 81 17.90 -1.13 3.68
N PHE B 82 16.99 -0.70 2.80
CA PHE B 82 16.99 -1.13 1.41
C PHE B 82 17.32 0.07 0.53
N THR B 83 18.18 -0.14 -0.47
CA THR B 83 18.57 0.91 -1.40
C THR B 83 18.05 0.56 -2.80
N GLU B 84 17.28 1.46 -3.41
CA GLU B 84 16.82 1.18 -4.79
C GLU B 84 18.00 1.38 -5.74
N LYS B 85 18.19 0.42 -6.61
CA LYS B 85 19.37 0.40 -7.49
C LYS B 85 19.72 1.65 -8.34
N ARG B 86 18.76 2.16 -9.09
CA ARG B 86 19.06 3.28 -10.00
C ARG B 86 18.94 4.63 -9.31
N SER B 87 17.94 4.79 -8.47
CA SER B 87 17.68 6.06 -7.83
C SER B 87 18.56 6.26 -6.61
N LEU B 88 19.01 5.14 -6.03
CA LEU B 88 19.81 5.15 -4.80
C LEU B 88 19.03 5.66 -3.59
N ILE B 89 17.70 5.77 -3.70
CA ILE B 89 16.89 6.17 -2.56
C ILE B 89 16.80 5.01 -1.52
N LYS B 90 16.80 5.38 -0.23
CA LYS B 90 16.81 4.41 0.86
C LYS B 90 15.53 4.37 1.69
N ARG B 91 15.07 3.17 1.98
CA ARG B 91 13.87 2.97 2.78
C ARG B 91 14.11 1.76 3.68
N GLU B 92 13.41 1.70 4.79
CA GLU B 92 13.60 0.61 5.75
C GLU B 92 12.44 -0.37 5.76
N LEU B 93 12.74 -1.66 5.82
CA LEU B 93 11.73 -2.69 5.93
C LEU B 93 12.03 -3.53 7.16
N GLN B 94 11.02 -4.19 7.69
CA GLN B 94 11.19 -5.07 8.84
C GLN B 94 11.46 -6.50 8.38
N ILE B 95 12.32 -7.17 9.11
CA ILE B 95 12.58 -8.59 8.91
C ILE B 95 12.30 -9.21 10.30
N LYS B 96 11.66 -10.36 10.32
CA LYS B 96 11.45 -11.07 11.56
C LYS B 96 12.47 -12.19 11.58
N GLY B 97 13.04 -12.42 12.76
CA GLY B 97 14.01 -13.49 12.91
C GLY B 97 13.80 -14.24 14.22
N TYR B 98 14.08 -15.54 14.21
CA TYR B 98 13.97 -16.33 15.43
C TYR B 98 14.85 -17.52 15.32
N LYS B 99 15.11 -18.17 16.45
CA LYS B 99 15.89 -19.38 16.46
C LYS B 99 15.14 -20.49 17.16
N GLN B 100 15.52 -21.73 16.90
CA GLN B 100 14.93 -22.87 17.57
C GLN B 100 16.03 -23.86 17.95
N PHE B 101 15.89 -24.51 19.08
CA PHE B 101 16.97 -25.37 19.56
C PHE B 101 16.69 -26.83 19.28
N LEU B 102 17.76 -27.60 19.09
CA LEU B 102 17.68 -29.02 18.81
C LEU B 102 18.20 -29.82 20.00
N PHE B 103 17.46 -30.84 20.42
CA PHE B 103 17.85 -31.64 21.56
C PHE B 103 17.83 -33.07 21.12
N LYS B 104 18.79 -33.86 21.60
CA LYS B 104 18.90 -35.25 21.19
C LYS B 104 17.80 -36.18 21.69
N ASN B 105 17.21 -35.86 22.82
CA ASN B 105 16.26 -36.78 23.43
C ASN B 105 14.80 -36.39 23.48
N ALA B 106 14.49 -35.21 22.95
CA ALA B 106 13.09 -34.73 22.87
C ALA B 106 13.02 -33.48 22.02
N ASN B 107 11.81 -33.07 21.65
CA ASN B 107 11.64 -31.83 20.93
C ASN B 107 11.05 -30.71 21.81
N CYS B 108 11.72 -29.57 21.84
CA CYS B 108 11.21 -28.35 22.49
C CYS B 108 11.43 -27.27 21.43
N PRO B 109 10.51 -27.21 20.49
CA PRO B 109 10.63 -26.34 19.32
C PRO B 109 10.24 -24.88 19.51
N SER B 110 9.99 -24.43 20.73
CA SER B 110 9.67 -23.02 20.98
C SER B 110 10.57 -22.04 20.24
N LYS B 111 9.97 -20.99 19.69
CA LYS B 111 10.71 -19.97 19.03
C LYS B 111 11.37 -19.04 20.05
N LEU B 112 12.64 -18.73 19.84
CA LEU B 112 13.35 -17.81 20.71
C LEU B 112 13.81 -16.59 19.92
N ALA B 113 13.83 -15.43 20.58
CA ALA B 113 14.36 -14.23 19.99
C ALA B 113 15.86 -14.50 19.71
N LEU B 114 16.39 -13.83 18.71
CA LEU B 114 17.75 -14.06 18.26
C LEU B 114 18.81 -14.01 19.40
N ASN B 115 18.70 -13.01 20.30
CA ASN B 115 19.69 -12.88 21.38
C ASN B 115 19.27 -13.49 22.70
N SER B 116 18.22 -14.30 22.67
CA SER B 116 17.71 -14.91 23.90
C SER B 116 18.66 -15.88 24.60
N SER B 117 18.55 -15.96 25.95
CA SER B 117 19.28 -16.95 26.67
C SER B 117 18.80 -18.32 26.22
N HIS B 118 19.60 -19.32 26.53
CA HIS B 118 19.31 -20.69 26.21
C HIS B 118 18.37 -21.29 27.24
N PHE B 119 17.88 -22.49 26.95
CA PHE B 119 17.07 -23.22 27.90
C PHE B 119 17.35 -24.68 27.69
N GLN B 120 16.87 -25.51 28.62
CA GLN B 120 17.03 -26.96 28.57
C GLN B 120 15.68 -27.63 28.27
N CYS B 121 15.70 -28.69 27.46
CA CYS B 121 14.47 -29.41 27.15
C CYS B 121 14.34 -30.58 28.13
N ASN B 122 13.39 -30.51 29.06
CA ASN B 122 13.32 -31.53 30.13
C ASN B 122 14.70 -31.82 30.74
N ARG B 123 15.41 -30.73 31.05
CA ARG B 123 16.74 -30.72 31.68
C ARG B 123 17.88 -31.18 30.81
N GLU B 124 17.63 -31.33 29.52
CA GLU B 124 18.68 -31.71 28.60
C GLU B 124 19.23 -30.47 27.92
N GLN B 125 20.54 -30.41 27.78
CA GLN B 125 21.17 -29.30 27.07
C GLN B 125 21.01 -29.48 25.56
N ALA B 126 20.84 -28.38 24.84
CA ALA B 126 20.72 -28.43 23.39
C ALA B 126 22.00 -28.90 22.72
N SER B 127 21.89 -29.41 21.50
CA SER B 127 23.08 -29.82 20.76
C SER B 127 23.29 -28.98 19.54
N GLY B 128 22.30 -28.13 19.22
CA GLY B 128 22.42 -27.24 18.07
C GLY B 128 21.22 -26.31 17.94
N ALA B 129 21.17 -25.55 16.84
CA ALA B 129 20.09 -24.59 16.63
C ALA B 129 19.86 -24.30 15.16
N THR B 130 18.62 -23.88 14.85
CA THR B 130 18.30 -23.43 13.50
C THR B 130 17.94 -21.97 13.54
N LEU B 131 18.03 -21.31 12.39
CA LEU B 131 17.72 -19.90 12.25
C LEU B 131 16.58 -19.71 11.20
N SER B 132 15.64 -18.81 11.48
CA SER B 132 14.59 -18.51 10.54
C SER B 132 14.48 -17.00 10.42
N LEU B 133 14.28 -16.54 9.19
CA LEU B 133 14.16 -15.10 8.87
C LEU B 133 13.08 -14.95 7.80
N TYR B 134 12.23 -13.94 7.94
CA TYR B 134 11.23 -13.70 6.91
C TYR B 134 10.76 -12.25 6.94
N ILE B 135 10.23 -11.78 5.81
CA ILE B 135 9.67 -10.44 5.73
C ILE B 135 8.16 -10.60 6.00
N PRO B 136 7.67 -9.90 6.99
CA PRO B 136 6.26 -9.99 7.37
C PRO B 136 5.32 -9.52 6.23
N ALA B 137 4.07 -9.97 6.25
CA ALA B 137 3.11 -9.57 5.23
C ALA B 137 2.93 -8.05 5.17
N GLY B 138 2.86 -7.52 3.95
CA GLY B 138 2.62 -6.09 3.75
C GLY B 138 3.81 -5.14 3.82
N GLU B 139 5.01 -5.59 4.25
CA GLU B 139 6.15 -4.66 4.34
C GLU B 139 6.49 -3.94 3.04
N LEU B 140 6.45 -4.66 1.92
CA LEU B 140 6.76 -4.04 0.63
C LEU B 140 5.79 -2.91 0.27
N ASN B 141 4.57 -2.93 0.83
CA ASN B 141 3.58 -1.86 0.55
C ASN B 141 4.13 -0.48 0.97
N LYS B 142 5.09 -0.48 1.90
CA LYS B 142 5.70 0.75 2.41
C LYS B 142 6.59 1.42 1.38
N LEU B 143 7.17 0.64 0.47
CA LEU B 143 8.09 1.20 -0.52
C LEU B 143 7.39 2.21 -1.44
N PRO B 144 8.04 3.36 -1.66
CA PRO B 144 7.46 4.49 -2.39
C PRO B 144 7.33 4.40 -3.91
N PHE B 145 8.07 3.50 -4.56
CA PHE B 145 7.98 3.37 -6.02
C PHE B 145 8.62 2.08 -6.45
N GLY B 146 8.32 1.66 -7.68
CA GLY B 146 8.84 0.42 -8.22
C GLY B 146 10.31 0.52 -8.57
N GLY B 147 11.01 -0.61 -8.44
CA GLY B 147 12.41 -0.68 -8.76
C GLY B 147 13.04 -1.92 -8.20
N VAL B 148 14.37 -1.91 -8.16
CA VAL B 148 15.15 -3.02 -7.63
C VAL B 148 15.72 -2.56 -6.30
N TRP B 149 15.15 -3.06 -5.21
CA TRP B 149 15.55 -2.66 -3.87
C TRP B 149 16.46 -3.70 -3.22
N ASN B 150 17.68 -3.28 -2.89
CA ASN B 150 18.71 -4.18 -2.33
C ASN B 150 19.08 -3.90 -0.88
N ALA B 151 19.30 -4.95 -0.11
CA ALA B 151 19.78 -4.83 1.26
C ALA B 151 20.84 -5.89 1.53
N VAL B 152 21.66 -5.65 2.55
CA VAL B 152 22.66 -6.62 2.97
C VAL B 152 22.51 -6.80 4.49
N LEU B 153 21.84 -7.88 4.88
CA LEU B 153 21.62 -8.21 6.29
C LEU B 153 22.84 -8.96 6.86
N LYS B 154 23.33 -8.51 8.01
CA LYS B 154 24.46 -9.16 8.67
C LYS B 154 24.12 -9.53 10.08
N LEU B 155 24.39 -10.77 10.42
CA LEU B 155 24.14 -11.27 11.75
C LEU B 155 25.35 -12.03 12.20
N ASN B 156 25.87 -11.71 13.38
CA ASN B 156 26.96 -12.47 13.99
C ASN B 156 26.37 -13.71 14.67
N VAL B 157 27.02 -14.85 14.45
CA VAL B 157 26.64 -16.13 15.04
C VAL B 157 27.58 -16.44 16.20
N LYS B 158 27.04 -16.63 17.42
CA LYS B 158 27.88 -16.90 18.60
C LYS B 158 27.34 -17.96 19.46
N ARG B 159 28.19 -18.31 20.42
CA ARG B 159 27.80 -19.06 21.56
C ARG B 159 27.58 -17.91 22.61
N ARG B 160 26.38 -17.88 23.17
CA ARG B 160 25.99 -16.88 24.15
C ARG B 160 27.06 -16.63 25.23
N TYR B 161 27.37 -15.34 25.45
CA TYR B 161 28.38 -14.91 26.43
C TYR B 161 29.71 -15.61 26.25
N ASP B 162 30.03 -15.99 25.02
CA ASP B 162 31.25 -16.75 24.75
C ASP B 162 31.70 -16.43 23.31
N THR B 163 32.30 -17.41 22.63
CA THR B 163 32.87 -17.23 21.27
C THR B 163 31.93 -16.76 20.21
N THR B 164 32.42 -15.87 19.34
CA THR B 164 31.71 -15.48 18.14
C THR B 164 32.30 -16.34 17.03
N TYR B 165 31.46 -17.10 16.35
CA TYR B 165 31.94 -18.02 15.32
C TYR B 165 32.13 -17.43 13.93
N GLY B 166 31.39 -16.36 13.63
CA GLY B 166 31.49 -15.72 12.35
C GLY B 166 30.27 -14.86 12.04
N THR B 167 30.14 -14.46 10.77
CA THR B 167 29.06 -13.59 10.37
C THR B 167 28.29 -14.15 9.17
N TYR B 168 26.99 -14.05 9.23
CA TYR B 168 26.16 -14.38 8.10
C TYR B 168 25.91 -13.09 7.33
N THR B 169 26.30 -13.06 6.07
CA THR B 169 26.02 -11.93 5.20
C THR B 169 24.90 -12.40 4.27
N ILE B 170 23.72 -11.79 4.37
CA ILE B 170 22.56 -12.18 3.56
C ILE B 170 22.12 -11.06 2.61
N ASN B 171 22.38 -11.26 1.33
CA ASN B 171 22.01 -10.29 0.31
C ASN B 171 20.56 -10.50 -0.09
N ILE B 172 19.76 -9.44 -0.01
CA ILE B 172 18.38 -9.53 -0.35
C ILE B 172 18.06 -8.55 -1.45
N THR B 173 17.52 -9.07 -2.55
CA THR B 173 17.13 -8.25 -3.68
C THR B 173 15.62 -8.35 -3.84
N VAL B 174 14.92 -7.20 -3.81
CA VAL B 174 13.49 -7.20 -4.01
C VAL B 174 13.18 -6.55 -5.34
N ASN B 175 12.61 -7.32 -6.26
CA ASN B 175 12.23 -6.79 -7.56
C ASN B 175 10.78 -6.35 -7.46
N LEU B 176 10.59 -5.04 -7.31
CA LEU B 176 9.27 -4.47 -7.12
C LEU B 176 8.80 -3.76 -8.38
N THR B 177 7.84 -4.35 -9.10
CA THR B 177 7.33 -3.68 -10.28
C THR B 177 6.13 -2.82 -9.90
N ASP B 178 5.73 -1.97 -10.84
CA ASP B 178 4.56 -1.12 -10.69
C ASP B 178 3.92 -1.01 -12.06
N LYS B 179 3.46 -2.14 -12.57
CA LYS B 179 2.89 -2.20 -13.92
C LYS B 179 1.78 -1.22 -14.23
N GLY B 180 0.87 -1.00 -13.29
CA GLY B 180 -0.23 -0.10 -13.53
C GLY B 180 0.21 1.34 -13.76
N ASN B 181 1.44 1.64 -13.37
CA ASN B 181 1.97 2.98 -13.47
C ASN B 181 2.95 3.17 -14.62
N ILE B 182 3.13 2.15 -15.42
CA ILE B 182 3.94 2.30 -16.62
C ILE B 182 3.16 3.26 -17.48
N GLN B 183 3.82 4.29 -17.97
CA GLN B 183 3.13 5.28 -18.75
C GLN B 183 4.06 6.14 -19.59
N ILE B 184 3.45 6.90 -20.52
CA ILE B 184 4.17 7.94 -21.26
C ILE B 184 3.69 9.20 -20.56
N TRP B 185 4.55 9.82 -19.78
CA TRP B 185 4.18 10.96 -18.97
C TRP B 185 4.37 12.25 -19.74
N LEU B 186 3.39 13.14 -19.66
CA LEU B 186 3.43 14.40 -20.38
C LEU B 186 3.35 15.54 -19.37
N PRO B 187 4.49 16.15 -19.05
CA PRO B 187 4.53 17.20 -18.03
C PRO B 187 3.52 18.35 -18.25
N GLN B 188 3.28 18.77 -19.49
CA GLN B 188 2.35 19.89 -19.74
C GLN B 188 0.86 19.48 -19.90
N PHE B 189 0.57 18.19 -19.94
CA PHE B 189 -0.80 17.73 -20.15
C PHE B 189 -1.20 16.57 -19.23
N LYS B 190 -2.12 16.84 -18.31
CA LYS B 190 -2.66 15.80 -17.43
C LYS B 190 -3.54 14.86 -18.28
N SER B 191 -4.22 15.45 -19.26
CA SER B 191 -5.10 14.72 -20.16
C SER B 191 -5.30 15.56 -21.44
N ASN B 192 -5.75 14.90 -22.51
CA ASN B 192 -5.98 15.54 -23.79
C ASN B 192 -4.81 16.42 -24.24
N ALA B 193 -3.68 15.80 -24.56
CA ALA B 193 -2.53 16.53 -25.07
C ALA B 193 -2.85 17.13 -26.46
N ARG B 194 -2.42 18.38 -26.68
CA ARG B 194 -2.67 19.08 -27.94
C ARG B 194 -1.51 19.96 -28.36
N VAL B 195 -1.07 19.84 -29.60
CA VAL B 195 -0.09 20.77 -30.16
C VAL B 195 -0.62 21.34 -31.42
N ASP B 196 -0.24 22.57 -31.69
CA ASP B 196 -0.57 23.18 -32.94
C ASP B 196 0.74 23.35 -33.67
N LEU B 197 0.73 23.16 -34.99
CA LEU B 197 1.95 23.28 -35.78
C LEU B 197 2.53 24.69 -35.85
N ASN B 198 1.75 25.70 -35.45
CA ASN B 198 2.18 27.10 -35.52
C ASN B 198 2.65 27.48 -36.93
N LEU B 199 1.81 27.18 -37.90
CA LEU B 199 2.11 27.45 -39.28
C LEU B 199 2.09 28.94 -39.54
N ARG B 200 3.13 29.45 -40.18
CA ARG B 200 3.12 30.86 -40.61
C ARG B 200 3.56 30.96 -42.05
N PRO B 201 2.91 31.86 -42.79
CA PRO B 201 3.28 32.15 -44.19
C PRO B 201 4.70 32.71 -44.31
N THR B 202 5.46 32.23 -45.28
CA THR B 202 6.82 32.72 -45.54
C THR B 202 6.84 33.54 -46.84
N GLY B 203 5.74 33.48 -47.59
CA GLY B 203 5.67 34.08 -48.90
C GLY B 203 5.95 33.05 -50.01
N GLY B 204 5.32 33.23 -51.16
CA GLY B 204 5.46 32.29 -52.27
C GLY B 204 4.45 31.17 -52.09
N GLY B 205 3.54 31.37 -51.12
CA GLY B 205 2.52 30.40 -50.73
C GLY B 205 3.05 29.37 -49.74
N THR B 206 4.30 29.53 -49.36
CA THR B 206 4.96 28.61 -48.47
C THR B 206 4.56 28.86 -47.03
N TYR B 207 4.31 27.79 -46.27
CA TYR B 207 3.99 27.87 -44.84
C TYR B 207 4.92 26.93 -44.09
N ILE B 208 5.57 27.45 -43.04
CA ILE B 208 6.45 26.63 -42.23
C ILE B 208 5.93 26.61 -40.84
N GLY B 209 6.12 25.49 -40.17
CA GLY B 209 5.68 25.34 -38.81
C GLY B 209 6.63 24.47 -38.02
N ARG B 210 6.68 24.73 -36.73
CA ARG B 210 7.52 23.97 -35.80
C ARG B 210 6.95 24.12 -34.42
N ASN B 211 6.85 22.99 -33.71
CA ASN B 211 6.40 22.97 -32.31
C ASN B 211 6.90 21.69 -31.68
N SER B 212 6.86 21.61 -30.35
CA SER B 212 7.37 20.42 -29.70
C SER B 212 6.55 19.96 -28.51
N VAL B 213 6.67 18.69 -28.18
CA VAL B 213 5.98 18.13 -27.01
C VAL B 213 6.97 17.37 -26.13
N ASP B 214 7.03 17.74 -24.86
CA ASP B 214 7.87 17.04 -23.90
C ASP B 214 7.15 15.83 -23.33
N MET B 215 7.89 14.74 -23.18
CA MET B 215 7.33 13.54 -22.58
C MET B 215 8.42 12.82 -21.80
N CYS B 216 8.03 11.88 -20.95
CA CYS B 216 8.99 11.08 -20.21
C CYS B 216 8.46 9.66 -20.14
N PHE B 217 9.24 8.71 -20.65
CA PHE B 217 8.83 7.31 -20.68
C PHE B 217 9.15 6.64 -19.33
N TYR B 218 8.12 6.13 -18.66
CA TYR B 218 8.28 5.59 -17.32
C TYR B 218 7.90 4.14 -17.26
N ASP B 219 8.82 3.30 -16.75
CA ASP B 219 8.57 1.86 -16.66
C ASP B 219 8.05 1.36 -15.32
N GLY B 220 7.68 2.27 -14.41
CA GLY B 220 7.24 1.87 -13.07
C GLY B 220 8.30 1.00 -12.39
N TYR B 221 9.56 1.18 -12.79
CA TYR B 221 10.63 0.29 -12.36
C TYR B 221 11.96 1.01 -12.25
N SER B 222 11.89 2.30 -11.99
CA SER B 222 13.08 3.13 -11.82
C SER B 222 14.11 3.06 -12.97
N THR B 223 13.59 2.88 -14.19
CA THR B 223 14.42 2.72 -15.39
C THR B 223 15.35 1.54 -15.34
N ASN B 224 14.96 0.47 -14.65
CA ASN B 224 15.74 -0.75 -14.62
C ASN B 224 15.51 -1.62 -15.86
N SER B 225 14.50 -1.29 -16.66
CA SER B 225 14.19 -2.06 -17.88
C SER B 225 15.37 -1.97 -18.83
N SER B 226 15.69 -3.05 -19.51
CA SER B 226 16.85 -3.03 -20.38
C SER B 226 16.59 -2.51 -21.79
N SER B 227 15.33 -2.43 -22.19
CA SER B 227 15.02 -1.87 -23.50
C SER B 227 13.61 -1.29 -23.62
N LEU B 228 13.45 -0.40 -24.60
CA LEU B 228 12.18 0.28 -24.85
C LEU B 228 11.67 0.03 -26.26
N GLU B 229 10.39 -0.28 -26.39
CA GLU B 229 9.78 -0.31 -27.69
C GLU B 229 8.86 0.91 -27.74
N ILE B 230 9.08 1.77 -28.73
CA ILE B 230 8.33 3.03 -28.85
C ILE B 230 7.86 3.20 -30.28
N ARG B 231 6.66 3.73 -30.46
CA ARG B 231 6.10 3.89 -31.78
C ARG B 231 5.14 5.08 -31.91
N PHE B 232 5.17 5.72 -33.07
CA PHE B 232 4.33 6.89 -33.35
C PHE B 232 3.48 6.57 -34.58
N GLN B 233 2.17 6.71 -34.45
CA GLN B 233 1.24 6.30 -35.49
C GLN B 233 0.04 7.24 -35.55
N ASP B 234 -0.40 7.56 -36.75
CA ASP B 234 -1.50 8.49 -36.95
C ASP B 234 -2.71 7.79 -37.58
N ASP B 235 -3.91 8.40 -37.52
CA ASP B 235 -5.13 7.78 -38.12
C ASP B 235 -4.88 7.35 -39.57
N ASN B 236 -4.75 8.37 -40.41
CA ASN B 236 -4.55 8.26 -41.86
C ASN B 236 -3.36 7.41 -42.27
N SER B 237 -3.38 6.15 -41.89
CA SER B 237 -2.34 5.26 -42.32
C SER B 237 -2.56 5.01 -43.82
N LYS B 238 -1.75 5.66 -44.64
CA LYS B 238 -1.77 5.36 -46.06
C LYS B 238 -0.49 4.62 -46.49
N SER B 239 0.18 4.05 -45.48
CA SER B 239 1.31 3.14 -45.66
C SER B 239 2.65 3.68 -46.23
N ASP B 240 2.89 4.98 -46.13
CA ASP B 240 4.12 5.56 -46.69
C ASP B 240 5.09 6.09 -45.61
N GLY B 241 4.73 5.91 -44.35
CA GLY B 241 5.57 6.36 -43.25
C GLY B 241 5.45 7.85 -42.97
N LYS B 242 4.52 8.49 -43.66
CA LYS B 242 4.33 9.92 -43.51
C LYS B 242 3.16 10.25 -42.58
N PHE B 243 3.19 11.44 -42.01
CA PHE B 243 2.13 11.91 -41.12
C PHE B 243 1.34 13.03 -41.80
N TYR B 244 0.02 13.01 -41.64
CA TYR B 244 -0.85 13.97 -42.29
C TYR B 244 -1.92 14.53 -41.38
N LEU B 245 -2.18 15.81 -41.49
CA LEU B 245 -3.34 16.40 -40.85
C LEU B 245 -4.35 16.45 -41.97
N LYS B 246 -5.63 16.50 -41.64
CA LYS B 246 -6.69 16.59 -42.65
C LYS B 246 -7.51 17.84 -42.39
N LYS B 247 -7.95 18.50 -43.45
CA LYS B 247 -8.77 19.68 -43.29
C LYS B 247 -10.08 19.25 -42.64
N ILE B 248 -10.49 19.96 -41.60
CA ILE B 248 -11.70 19.63 -40.87
C ILE B 248 -13.00 19.60 -41.69
N ASN B 249 -13.07 20.31 -42.80
CA ASN B 249 -14.30 20.34 -43.58
C ASN B 249 -14.20 19.47 -44.80
N ASP B 250 -12.99 19.09 -45.13
CA ASP B 250 -12.76 18.43 -46.39
C ASP B 250 -11.60 17.45 -46.28
N ASP B 251 -11.94 16.17 -46.22
CA ASP B 251 -11.00 15.07 -46.12
C ASP B 251 -10.00 15.01 -47.26
N SER B 252 -10.35 15.62 -48.38
CA SER B 252 -9.49 15.58 -49.55
C SER B 252 -8.25 16.47 -49.39
N LYS B 253 -8.27 17.35 -48.38
CA LYS B 253 -7.16 18.23 -48.17
C LYS B 253 -6.21 17.76 -47.05
N GLU B 254 -5.02 17.31 -47.44
CA GLU B 254 -4.05 16.83 -46.45
C GLU B 254 -2.87 17.78 -46.30
N LEU B 255 -2.27 17.76 -45.12
CA LEU B 255 -1.11 18.56 -44.83
C LEU B 255 -0.07 17.68 -44.14
N VAL B 256 1.02 17.39 -44.85
CA VAL B 256 2.12 16.56 -44.38
C VAL B 256 2.99 17.26 -43.34
N TYR B 257 3.43 16.50 -42.34
CA TYR B 257 4.39 16.99 -41.33
C TYR B 257 5.33 15.85 -40.90
N THR B 258 6.48 16.20 -40.32
CA THR B 258 7.45 15.18 -39.93
C THR B 258 7.76 15.20 -38.44
N LEU B 259 8.32 14.10 -37.96
CA LEU B 259 8.62 13.99 -36.56
C LEU B 259 10.09 13.74 -36.33
N SER B 260 10.60 14.31 -35.26
CA SER B 260 11.96 14.02 -34.81
C SER B 260 11.89 13.92 -33.30
N LEU B 261 12.68 13.04 -32.73
CA LEU B 261 12.61 12.82 -31.30
C LEU B 261 13.98 12.76 -30.68
N LEU B 262 14.23 13.61 -29.69
CA LEU B 262 15.46 13.54 -28.93
C LEU B 262 15.10 12.73 -27.72
N LEU B 263 15.48 11.45 -27.74
CA LEU B 263 15.15 10.57 -26.63
C LEU B 263 16.36 10.38 -25.74
N ALA B 264 16.32 10.98 -24.55
CA ALA B 264 17.37 10.81 -23.54
C ALA B 264 18.79 10.82 -24.10
N GLY B 265 19.10 11.85 -24.88
CA GLY B 265 20.42 12.01 -25.47
C GLY B 265 20.58 11.40 -26.87
N LYS B 266 19.58 10.66 -27.33
CA LYS B 266 19.67 9.98 -28.61
C LYS B 266 18.73 10.65 -29.64
N ASN B 267 19.28 11.08 -30.77
CA ASN B 267 18.44 11.71 -31.82
C ASN B 267 17.80 10.68 -32.74
N LEU B 268 16.47 10.70 -32.81
CA LEU B 268 15.73 9.74 -33.61
C LEU B 268 14.74 10.38 -34.58
N THR B 269 14.43 9.65 -35.66
CA THR B 269 13.46 10.11 -36.66
C THR B 269 12.34 9.07 -36.79
N PRO B 270 11.26 9.23 -36.04
CA PRO B 270 10.14 8.29 -36.12
C PRO B 270 9.35 8.48 -37.41
N THR B 271 9.06 7.38 -38.10
CA THR B 271 8.17 7.44 -39.27
C THR B 271 6.84 6.80 -38.86
N ASN B 272 5.78 7.09 -39.60
CA ASN B 272 4.44 6.60 -39.27
C ASN B 272 4.33 5.11 -39.19
N GLY B 273 4.09 4.61 -37.98
CA GLY B 273 3.89 3.19 -37.75
C GLY B 273 5.14 2.35 -37.67
N GLN B 274 6.31 2.97 -37.68
CA GLN B 274 7.56 2.22 -37.58
C GLN B 274 8.05 2.17 -36.13
N ALA B 275 8.06 0.99 -35.55
CA ALA B 275 8.46 0.82 -34.15
C ALA B 275 9.96 1.01 -33.96
N LEU B 276 10.30 1.69 -32.87
CA LEU B 276 11.68 1.89 -32.50
C LEU B 276 12.02 1.00 -31.29
N ASN B 277 13.13 0.28 -31.39
CA ASN B 277 13.57 -0.58 -30.31
C ASN B 277 14.90 -0.09 -29.76
N ILE B 278 14.88 0.47 -28.56
CA ILE B 278 16.07 1.06 -28.02
C ILE B 278 16.62 0.43 -26.75
N ASN B 279 17.91 0.12 -26.79
CA ASN B 279 18.62 -0.38 -25.65
C ASN B 279 18.73 0.74 -24.62
N THR B 280 18.41 0.43 -23.39
CA THR B 280 18.35 1.41 -22.34
C THR B 280 19.67 1.86 -21.71
N ALA B 281 20.67 0.98 -21.77
CA ALA B 281 21.98 1.21 -21.10
C ALA B 281 22.63 2.55 -21.38
N SER B 282 22.48 3.03 -22.60
CA SER B 282 23.10 4.29 -23.01
C SER B 282 22.25 5.54 -22.76
N LEU B 283 20.98 5.36 -22.40
CA LEU B 283 20.09 6.50 -22.27
C LEU B 283 20.21 7.27 -20.97
N GLU B 284 20.13 8.59 -21.07
CA GLU B 284 20.12 9.45 -19.89
C GLU B 284 18.76 9.33 -19.19
N THR B 285 18.68 9.70 -17.92
CA THR B 285 17.39 9.67 -17.22
C THR B 285 17.18 10.99 -16.49
N ASN B 286 15.93 11.29 -16.19
CA ASN B 286 15.60 12.48 -15.42
C ASN B 286 14.72 12.13 -14.22
N TRP B 287 14.66 13.04 -13.24
CA TRP B 287 13.73 12.92 -12.12
C TRP B 287 12.46 13.67 -12.54
N ASN B 288 11.31 13.05 -12.45
CA ASN B 288 10.08 13.76 -12.74
C ASN B 288 9.08 13.41 -11.66
N ARG B 289 8.23 14.36 -11.32
CA ARG B 289 7.17 14.16 -10.35
C ARG B 289 6.00 13.47 -11.11
N ILE B 290 6.25 12.28 -11.63
CA ILE B 290 5.23 11.51 -12.32
C ILE B 290 4.21 11.00 -11.31
N THR B 291 2.92 11.25 -11.57
CA THR B 291 1.89 10.74 -10.69
C THR B 291 1.36 9.42 -11.22
N ALA B 292 0.62 8.69 -10.38
CA ALA B 292 0.02 7.42 -10.73
C ALA B 292 -1.04 7.60 -11.80
N VAL B 293 -1.23 6.57 -12.62
CA VAL B 293 -2.28 6.57 -13.62
C VAL B 293 -3.58 6.45 -12.82
N THR B 294 -3.67 5.42 -11.98
CA THR B 294 -4.78 5.31 -11.04
C THR B 294 -4.16 5.10 -9.65
N MET B 295 -3.82 3.86 -9.34
CA MET B 295 -3.21 3.49 -8.08
C MET B 295 -2.21 2.38 -8.41
N PRO B 296 -1.19 2.15 -7.56
CA PRO B 296 -0.99 2.86 -6.30
C PRO B 296 -0.23 4.17 -6.48
N GLU B 297 -0.30 5.01 -5.48
CA GLU B 297 0.31 6.32 -5.54
C GLU B 297 1.82 6.27 -5.68
N ILE B 298 2.35 7.21 -6.45
CA ILE B 298 3.80 7.44 -6.56
C ILE B 298 3.96 8.75 -5.81
N SER B 299 4.50 8.69 -4.61
CA SER B 299 4.53 9.83 -3.69
C SER B 299 5.75 10.70 -3.75
N VAL B 300 6.73 10.25 -4.50
CA VAL B 300 8.03 10.88 -4.54
C VAL B 300 8.52 10.86 -6.01
N PRO B 301 9.36 11.83 -6.41
CA PRO B 301 9.87 11.87 -7.80
C PRO B 301 10.51 10.54 -8.22
N VAL B 302 10.32 10.19 -9.48
CA VAL B 302 10.88 8.95 -10.01
C VAL B 302 11.77 9.17 -11.22
N LEU B 303 12.48 8.12 -11.59
CA LEU B 303 13.39 8.18 -12.72
C LEU B 303 12.64 7.81 -13.98
N CYS B 304 13.00 8.42 -15.11
CA CYS B 304 12.36 8.10 -16.39
C CYS B 304 13.22 8.56 -17.55
N TRP B 305 12.89 8.11 -18.75
CA TRP B 305 13.64 8.51 -19.97
C TRP B 305 12.95 9.69 -20.67
N PRO B 306 13.59 10.84 -20.68
CA PRO B 306 12.99 12.08 -21.23
C PRO B 306 12.97 12.06 -22.74
N GLY B 307 11.87 12.54 -23.32
CA GLY B 307 11.77 12.64 -24.75
C GLY B 307 11.24 14.01 -25.16
N ARG B 308 11.81 14.56 -26.20
CA ARG B 308 11.29 15.78 -26.77
C ARG B 308 10.91 15.51 -28.22
N LEU B 309 9.60 15.53 -28.50
CA LEU B 309 9.09 15.28 -29.84
C LEU B 309 8.96 16.60 -30.57
N GLN B 310 9.70 16.76 -31.66
CA GLN B 310 9.60 17.96 -32.48
C GLN B 310 8.74 17.71 -33.75
N LEU B 311 7.71 18.54 -33.94
CA LEU B 311 6.83 18.46 -35.12
C LEU B 311 7.21 19.56 -36.13
N ASP B 312 7.50 19.18 -37.37
CA ASP B 312 7.86 20.15 -38.42
C ASP B 312 7.01 20.06 -39.66
N ALA B 313 6.67 21.21 -40.23
CA ALA B 313 5.91 21.27 -41.47
C ALA B 313 6.44 22.41 -42.36
N LYS B 314 6.76 22.07 -43.60
CA LYS B 314 7.16 23.04 -44.61
C LYS B 314 6.33 22.66 -45.82
N VAL B 315 5.31 23.44 -46.09
CA VAL B 315 4.30 23.09 -47.07
C VAL B 315 4.06 24.21 -48.13
N LYS B 316 3.81 23.88 -49.42
CA LYS B 316 3.56 24.94 -50.47
C LYS B 316 2.13 24.88 -51.03
N ASN B 317 1.47 26.02 -50.91
CA ASN B 317 0.10 26.23 -51.35
C ASN B 317 -0.87 25.21 -50.77
N PRO B 318 -0.86 25.07 -49.41
CA PRO B 318 -1.82 24.29 -48.63
C PRO B 318 -3.07 25.08 -48.91
N GLU B 319 -4.23 24.64 -48.48
CA GLU B 319 -5.47 25.33 -48.76
C GLU B 319 -5.97 25.98 -47.45
N ALA B 320 -6.53 27.17 -47.43
CA ALA B 320 -6.95 27.82 -46.23
C ALA B 320 -7.82 26.95 -45.35
N GLY B 321 -7.69 27.13 -44.04
CA GLY B 321 -8.54 26.42 -43.13
C GLY B 321 -7.89 25.76 -41.93
N GLN B 322 -8.73 25.04 -41.18
CA GLN B 322 -8.35 24.33 -39.96
C GLN B 322 -7.99 22.89 -40.29
N TYR B 323 -6.86 22.43 -39.79
CA TYR B 323 -6.47 21.04 -39.97
C TYR B 323 -6.39 20.33 -38.62
N MET B 324 -6.58 19.02 -38.65
CA MET B 324 -6.52 18.23 -37.44
C MET B 324 -6.09 16.79 -37.71
N GLY B 325 -5.40 16.21 -36.74
CA GLY B 325 -4.99 14.83 -36.83
C GLY B 325 -4.63 14.33 -35.45
N ASN B 326 -4.26 13.05 -35.37
CA ASN B 326 -3.90 12.46 -34.10
C ASN B 326 -2.61 11.71 -34.18
N ILE B 327 -1.81 11.78 -33.12
CA ILE B 327 -0.61 10.94 -33.03
C ILE B 327 -0.79 9.98 -31.86
N LYS B 328 -0.79 8.69 -32.16
CA LYS B 328 -0.90 7.69 -31.12
C LYS B 328 0.52 7.24 -30.78
N ILE B 329 0.96 7.55 -29.56
CA ILE B 329 2.26 7.12 -29.09
C ILE B 329 2.06 5.82 -28.35
N THR B 330 2.88 4.84 -28.66
CA THR B 330 2.74 3.55 -28.06
C THR B 330 4.09 3.19 -27.39
N PHE B 331 4.05 2.50 -26.25
CA PHE B 331 5.28 2.23 -25.47
C PHE B 331 5.25 0.93 -24.66
N THR B 332 6.30 0.14 -24.79
CA THR B 332 6.45 -1.07 -24.00
C THR B 332 7.85 -1.18 -23.46
N PRO B 333 8.00 -1.11 -22.13
CA PRO B 333 9.31 -1.36 -21.50
C PRO B 333 9.51 -2.86 -21.49
N SER B 334 10.74 -3.33 -21.63
CA SER B 334 11.06 -4.78 -21.70
C SER B 334 10.98 -5.46 -20.34
N SER B 335 10.40 -6.66 -20.28
CA SER B 335 10.30 -7.40 -19.02
C SER B 335 11.24 -8.60 -18.96
N GLN B 336 11.33 -9.19 -17.76
CA GLN B 336 12.17 -10.36 -17.58
C GLN B 336 11.37 -11.52 -16.97
N THR B 337 10.94 -12.46 -17.80
CA THR B 337 10.99 -12.34 -19.25
C THR B 337 9.55 -12.69 -19.74
N LEU B 338 8.54 -12.23 -19.00
CA LEU B 338 7.17 -12.32 -19.49
C LEU B 338 7.23 -11.16 -20.47
N ASP B 339 6.41 -10.16 -20.32
CA ASP B 339 6.64 -8.93 -21.06
C ASP B 339 5.86 -7.94 -20.33
N ASN B 340 5.66 -6.78 -20.90
CA ASN B 340 4.83 -5.85 -20.22
C ASN B 340 3.67 -5.56 -21.08
N LYS B 341 2.68 -4.88 -20.54
CA LYS B 341 1.59 -4.50 -21.36
C LYS B 341 2.04 -3.19 -22.03
N GLN B 342 1.50 -2.95 -23.20
CA GLN B 342 1.81 -1.76 -23.94
C GLN B 342 0.91 -0.66 -23.41
N VAL B 343 1.44 0.56 -23.36
CA VAL B 343 0.65 1.69 -22.95
C VAL B 343 0.66 2.76 -24.05
N GLU B 344 -0.25 3.73 -23.96
CA GLU B 344 -0.34 4.72 -25.00
C GLU B 344 -0.72 6.10 -24.52
N LYS B 345 -0.47 7.08 -25.37
CA LYS B 345 -0.89 8.45 -25.14
C LYS B 345 -1.23 9.01 -26.55
N ASN B 346 -2.28 9.80 -26.63
CA ASN B 346 -2.70 10.38 -27.90
C ASN B 346 -2.49 11.87 -27.90
N ILE B 347 -1.89 12.39 -28.97
CA ILE B 347 -1.71 13.82 -29.10
C ILE B 347 -2.58 14.35 -30.24
N THR B 348 -3.46 15.29 -29.93
CA THR B 348 -4.23 15.94 -30.98
C THR B 348 -3.34 17.03 -31.62
N VAL B 349 -3.13 16.93 -32.91
CA VAL B 349 -2.30 17.89 -33.62
C VAL B 349 -3.19 18.76 -34.49
N THR B 350 -3.05 20.08 -34.36
CA THR B 350 -3.79 21.00 -35.21
C THR B 350 -2.86 21.93 -35.97
N ALA B 351 -3.42 22.57 -37.00
CA ALA B 351 -2.72 23.57 -37.82
C ALA B 351 -3.73 24.51 -38.43
N SER B 352 -3.34 25.77 -38.58
CA SER B 352 -4.19 26.78 -39.23
C SER B 352 -3.51 27.40 -40.42
N VAL B 353 -4.14 27.24 -41.58
CA VAL B 353 -3.69 27.93 -42.79
C VAL B 353 -4.67 29.08 -42.96
N ASP B 354 -4.15 30.31 -42.83
CA ASP B 354 -4.97 31.50 -42.89
C ASP B 354 -5.31 32.05 -44.28
N PRO B 355 -6.63 32.20 -44.52
CA PRO B 355 -7.16 32.69 -45.81
C PRO B 355 -6.64 34.10 -46.20
C1 MLI C . 12.51 -9.01 27.88
C2 MLI C . 13.33 -7.73 27.89
C3 MLI C . 11.74 -9.11 26.61
O6 MLI C . 14.16 -7.53 27.03
O7 MLI C . 13.20 -6.90 28.77
O8 MLI C . 11.72 -10.12 26.00
O9 MLI C . 11.15 -8.18 26.17
C1 MLI D . -18.43 -10.96 15.48
C2 MLI D . -18.89 -11.87 14.37
C3 MLI D . -17.06 -11.34 16.07
O6 MLI D . -18.18 -12.16 13.42
O7 MLI D . -20.03 -12.32 14.41
O8 MLI D . -16.04 -10.79 15.68
O9 MLI D . -16.96 -12.18 16.95
C1 PEG E . -15.34 -8.47 18.12
O1 PEG E . -14.80 -9.64 17.48
C2 PEG E . -16.70 -8.09 17.52
O2 PEG E . -16.56 -7.79 16.13
C3 PEG E . -17.80 -7.67 15.45
C4 PEG E . -17.67 -8.47 14.16
O4 PEG E . -18.96 -8.72 13.58
C1 PEG F . -15.72 7.70 9.52
O1 PEG F . -15.48 7.82 8.09
C2 PEG F . -16.98 6.87 9.78
O2 PEG F . -17.57 7.25 11.02
C3 PEG F . -19.02 7.31 10.98
C4 PEG F . -19.56 7.73 12.35
O4 PEG F . -20.18 9.03 12.32
C1 MLI G . 25.80 0.61 19.35
C2 MLI G . 25.34 1.05 17.99
C3 MLI G . 25.24 -0.76 19.66
O6 MLI G . 26.15 1.54 17.20
O7 MLI G . 24.15 0.91 17.70
O8 MLI G . 25.66 -1.75 19.08
O9 MLI G . 24.37 -0.90 20.50
C1 PEG H . 9.28 -22.40 2.96
O1 PEG H . 8.70 -22.17 4.24
C2 PEG H . 9.21 -21.10 2.14
O2 PEG H . 7.91 -20.91 1.55
C3 PEG H . 7.77 -19.65 0.89
C4 PEG H . 6.55 -18.93 1.40
O4 PEG H . 6.89 -17.55 1.52
C1 PEG I . 24.47 4.42 7.49
O1 PEG I . 25.81 4.25 7.98
C2 PEG I . 23.52 4.97 8.57
O2 PEG I . 22.36 4.12 8.69
C3 PEG I . 21.25 4.80 9.27
C4 PEG I . 20.83 4.20 10.62
O4 PEG I . 19.42 3.96 10.62
#